data_8JER
#
_entry.id   8JER
#
_cell.length_a   1.00
_cell.length_b   1.00
_cell.length_c   1.00
_cell.angle_alpha   90.00
_cell.angle_beta   90.00
_cell.angle_gamma   90.00
#
_symmetry.space_group_name_H-M   'P 1'
#
loop_
_entity.id
_entity.type
_entity.pdbx_description
1 polymer 'Guanine nucleotide-binding protein G(o) subunit alpha'
2 polymer 'Guanine nucleotide-binding protein G(I)/G(S)/G(T) subunit beta-1'
3 polymer 'Hydroxycarboxylic acid receptor 2'
4 polymer 'Guanine nucleotide-binding protein G(I)/G(S)/G(O) subunit gamma-2'
5 polymer 'ScFv16 Antibody fragment'
6 non-polymer '5-methyl-4-oxidanyl-pyrazin-4-ium-2-carboxylic acid'
#
loop_
_entity_poly.entity_id
_entity_poly.type
_entity_poly.pdbx_seq_one_letter_code
_entity_poly.pdbx_strand_id
1 'polypeptide(L)'
;MGHHHHHHENLYFQGTLSAEERAALERSKAIEKNLKEDGISAAKDVKLLLLGADNSGKSTIVKQMKIIHGGSGGSGGTTG
IVETHFTFKNLHFRLFDVGGQRSERKKWIHCFEDVTAIIFCVDLSDYNRMHESLMLFDSICNNKFFIDTSIILFLNKKDL
FGEKIKKSPLTICFPEYTGPNTYEDAAAYIQAQFESKNRSPNKEIYCHMTCATDTNNAQVIFDAVTDIIIANNLRGCGLY
;
A
2 'polypeptide(L)'
;MHHHHHHGSSGSELDQLRQEAEQLKNQIRDARKACADATLSQITNNIDPVGRIQMRTRRTLRGHLAKIYAMHWGTDSRLL
VSASQDGKLIIWDSYTTNKVHAIPLRSSWVMTCAYAPSGNYVACGGLDNICSIYNLKTREGNVRVSRELAGHTGYLSCCR
FLDDNQIVTSSGDTTCALWDIETGQQTTTFTGHTGDVMSLSLAPDTRLFVSGACDASAKLWDVREGMCRQTFTGHESDIN
AICFFPNGNAFATGSDDATCRLFDLRADQELMTYSHDNIICGITSVSFSKSGRLLLAGYDDFNCNVWDALKADRAGVLAG
HDNRVSCLGVTDDGMAVATGSWDSFLKIWN
;
B
3 'polypeptide(L)'
;MGKTIIALSYIFCLVFADYKDDDDAANFTPVNGSSGNQSVRLVTSSSLEVLFQGPGSNRHHLQDHFLEIDKKNCCVFRDD
FIVKVLPPVLGLEFIFGLLGNGLALWIFCFHLKSWKSSRIFLFNLAVADFLLIICLPFLMDNYVRRWDWKFGDIPCRLML
FMLAMNRQGSIIFLTVVAVDRYFRVVHPHHALNKISNRTAAIISCLLWGITIGLTVHLLKKKMPIQNGGANLCSSFSICH
TFQWHEAMFLLEFFLPLGIILFCSARIIWSLRQRQMDRHAKIKRAITFIMVVAIVFVICFLPSVVVRIRIFWLLHTSGTQ
NCEVYRSVDLAFFITLSFTYMNSMLDPVVYYFSSPSFPNFFSTLINRCLQRKMTGEPDNNRSTSVELTGDPNKTRGAPEA
LMANSGEPWSPSYLGPTSP
;
R
4 'polypeptide(L)' MASNNTASIAQARKLVEQLKMEANIDRIKVSKAAADLMAYCEAHAKEDPLLTPVPASENPFREKKFFCAIL G
5 'polypeptide(L)'
;DVQLVESGGGLVQPGGSRKLSCSASGFAFSSFGMHWVRQAPEKGLEWVAYISSGSGTIYYADTVKGRFTISRDDPKNTLF
LQMTSLRSEDTAMYYCVRSIYYYGSSPFDFWGQGTTLTVSSGGGGSGGGGSGGGGSDIVMTQATSSVPVTPGESVSISCR
SSKSLLHSNGNTYLYWFLQRPGQSPQLLIYRMSNLASGVPDRFSGSGSGTAFTLTISRLEAEDVGVYYCMQHLEYPLTFG
AGTKLELK
;
H
#
# COMPACT_ATOMS: atom_id res chain seq x y z
N SER A 18 16.64 -5.41 22.43
CA SER A 18 17.11 -5.06 21.09
C SER A 18 18.62 -5.21 20.99
N ALA A 19 19.09 -6.44 20.75
CA ALA A 19 20.52 -6.70 20.69
C ALA A 19 21.09 -6.30 19.34
N GLU A 20 20.65 -6.97 18.28
CA GLU A 20 20.96 -6.58 16.92
C GLU A 20 19.71 -6.27 16.10
N GLU A 21 18.53 -6.36 16.71
CA GLU A 21 17.31 -5.95 16.04
C GLU A 21 17.31 -4.45 15.75
N ARG A 22 18.14 -3.68 16.45
CA ARG A 22 18.29 -2.28 16.11
C ARG A 22 18.87 -2.13 14.70
N ALA A 23 19.85 -2.96 14.36
CA ALA A 23 20.39 -2.95 13.00
C ALA A 23 19.35 -3.41 11.98
N ALA A 24 18.49 -4.35 12.37
CA ALA A 24 17.40 -4.76 11.49
C ALA A 24 16.44 -3.62 11.23
N LEU A 25 16.16 -2.81 12.26
CA LEU A 25 15.32 -1.63 12.06
C LEU A 25 15.99 -0.63 11.11
N GLU A 26 17.31 -0.52 11.17
CA GLU A 26 18.02 0.37 10.26
C GLU A 26 17.84 -0.06 8.81
N ARG A 27 17.93 -1.37 8.56
CA ARG A 27 17.70 -1.87 7.21
C ARG A 27 16.26 -1.64 6.77
N SER A 28 15.30 -1.85 7.68
CA SER A 28 13.90 -1.62 7.34
C SER A 28 13.64 -0.16 7.02
N LYS A 29 14.21 0.76 7.81
CA LYS A 29 14.01 2.17 7.54
C LYS A 29 14.70 2.61 6.27
N ALA A 30 15.84 1.99 5.94
CA ALA A 30 16.57 2.35 4.73
C ALA A 30 15.76 2.04 3.48
N ILE A 31 15.11 0.87 3.45
CA ILE A 31 14.34 0.49 2.27
C ILE A 31 12.94 1.09 2.31
N GLU A 32 12.42 1.38 3.51
CA GLU A 32 11.15 2.09 3.61
C GLU A 32 11.26 3.49 3.02
N LYS A 33 12.36 4.19 3.30
CA LYS A 33 12.61 5.47 2.67
C LYS A 33 12.86 5.30 1.18
N ASN A 34 13.57 4.24 0.80
CA ASN A 34 13.82 3.97 -0.62
C ASN A 34 12.51 3.71 -1.35
N LEU A 35 11.59 2.98 -0.71
CA LEU A 35 10.27 2.77 -1.32
C LEU A 35 9.54 4.09 -1.50
N LYS A 36 9.61 4.97 -0.49
CA LYS A 36 8.96 6.27 -0.60
C LYS A 36 9.58 7.12 -1.70
N GLU A 37 10.91 7.09 -1.82
CA GLU A 37 11.59 7.85 -2.86
C GLU A 37 11.18 7.33 -4.25
N ASP A 38 11.09 6.01 -4.41
CA ASP A 38 10.65 5.47 -5.69
C ASP A 38 9.17 5.71 -5.91
N GLY A 39 8.38 5.74 -4.85
CA GLY A 39 6.94 5.96 -5.00
C GLY A 39 6.61 7.33 -5.54
N ILE A 40 7.25 8.37 -4.99
CA ILE A 40 6.98 9.73 -5.46
C ILE A 40 7.50 9.92 -6.88
N SER A 41 8.62 9.31 -7.23
CA SER A 41 9.15 9.42 -8.58
C SER A 41 8.22 8.79 -9.60
N ALA A 42 7.62 7.65 -9.26
CA ALA A 42 6.71 6.97 -10.17
C ALA A 42 5.34 7.63 -10.23
N ALA A 43 5.04 8.53 -9.28
CA ALA A 43 3.74 9.20 -9.30
C ALA A 43 3.67 10.29 -10.36
N LYS A 44 4.81 10.79 -10.82
CA LYS A 44 4.79 11.81 -11.87
C LYS A 44 4.39 11.24 -13.21
N ASP A 45 4.60 9.95 -13.43
CA ASP A 45 4.27 9.32 -14.70
C ASP A 45 2.76 9.26 -14.90
N VAL A 46 2.34 9.40 -16.15
CA VAL A 46 0.94 9.32 -16.54
C VAL A 46 0.76 8.07 -17.37
N LYS A 47 -0.14 7.18 -16.94
CA LYS A 47 -0.37 5.91 -17.61
C LYS A 47 -1.56 6.03 -18.54
N LEU A 48 -1.41 5.49 -19.76
CA LEU A 48 -2.45 5.55 -20.78
C LEU A 48 -2.59 4.16 -21.39
N LEU A 49 -3.64 3.43 -20.99
CA LEU A 49 -3.92 2.16 -21.61
C LEU A 49 -4.30 2.36 -23.07
N LEU A 50 -3.73 1.54 -23.95
CA LEU A 50 -3.95 1.67 -25.39
C LEU A 50 -4.62 0.41 -25.90
N LEU A 51 -5.73 0.58 -26.62
CA LEU A 51 -6.49 -0.54 -27.14
C LEU A 51 -6.70 -0.40 -28.65
N GLY A 52 -7.55 -1.24 -29.22
CA GLY A 52 -7.88 -1.18 -30.63
C GLY A 52 -7.76 -2.53 -31.30
N ALA A 53 -8.26 -2.57 -32.53
CA ALA A 53 -8.19 -3.78 -33.33
C ALA A 53 -6.77 -3.99 -33.86
N ASP A 54 -6.52 -5.19 -34.37
CA ASP A 54 -5.21 -5.52 -34.91
C ASP A 54 -4.94 -4.72 -36.18
N ASN A 55 -3.71 -4.21 -36.30
CA ASN A 55 -3.29 -3.43 -37.46
C ASN A 55 -4.23 -2.24 -37.71
N SER A 56 -4.64 -1.60 -36.62
CA SER A 56 -5.52 -0.44 -36.68
C SER A 56 -4.78 0.88 -36.47
N GLY A 57 -3.45 0.87 -36.54
CA GLY A 57 -2.67 2.08 -36.35
C GLY A 57 -2.26 2.37 -34.93
N LYS A 58 -2.22 1.36 -34.06
CA LYS A 58 -1.85 1.59 -32.66
C LYS A 58 -0.43 2.09 -32.51
N SER A 59 0.46 1.78 -33.45
CA SER A 59 1.86 2.16 -33.38
C SER A 59 2.20 3.37 -34.24
N THR A 60 1.19 4.09 -34.75
CA THR A 60 1.43 5.21 -35.64
C THR A 60 0.77 6.49 -35.11
N ILE A 61 0.63 6.60 -33.80
CA ILE A 61 0.04 7.79 -33.19
C ILE A 61 1.15 8.66 -32.59
N VAL A 62 2.09 8.02 -31.90
CA VAL A 62 3.19 8.72 -31.26
C VAL A 62 4.50 8.30 -31.92
N LYS A 63 4.44 8.02 -33.22
CA LYS A 63 5.59 7.51 -33.96
C LYS A 63 6.81 8.40 -33.83
N GLN A 64 6.60 9.71 -33.66
CA GLN A 64 7.72 10.62 -33.50
C GLN A 64 8.52 10.33 -32.24
N MET A 65 7.85 9.83 -31.20
CA MET A 65 8.52 9.53 -29.94
C MET A 65 8.01 8.22 -29.35
N THR A 79 5.50 -12.00 -26.42
CA THR A 79 4.06 -12.15 -26.60
C THR A 79 3.30 -11.63 -25.38
N GLY A 80 4.02 -10.99 -24.47
CA GLY A 80 3.44 -10.41 -23.29
C GLY A 80 2.95 -9.00 -23.52
N ILE A 81 2.87 -8.23 -22.44
CA ILE A 81 2.46 -6.84 -22.54
C ILE A 81 3.58 -6.01 -23.18
N VAL A 82 3.19 -4.90 -23.80
CA VAL A 82 4.14 -3.99 -24.46
C VAL A 82 4.05 -2.64 -23.77
N GLU A 83 5.17 -2.18 -23.23
CA GLU A 83 5.23 -0.92 -22.49
C GLU A 83 6.03 0.10 -23.29
N THR A 84 5.40 1.21 -23.62
CA THR A 84 6.03 2.30 -24.37
C THR A 84 5.96 3.57 -23.54
N HIS A 85 7.09 4.24 -23.39
CA HIS A 85 7.16 5.45 -22.59
C HIS A 85 7.87 6.56 -23.36
N PHE A 86 7.33 7.77 -23.24
CA PHE A 86 7.94 8.95 -23.84
C PHE A 86 7.64 10.16 -22.97
N THR A 87 8.46 11.18 -23.10
CA THR A 87 8.35 12.39 -22.29
C THR A 87 7.95 13.56 -23.18
N PHE A 88 6.92 14.29 -22.77
CA PHE A 88 6.45 15.45 -23.52
C PHE A 88 5.93 16.48 -22.52
N LYS A 89 6.50 17.68 -22.56
CA LYS A 89 6.10 18.78 -21.69
C LYS A 89 6.14 18.37 -20.22
N ASN A 90 7.26 17.78 -19.82
CA ASN A 90 7.52 17.41 -18.42
C ASN A 90 6.49 16.43 -17.88
N LEU A 91 5.99 15.53 -18.72
CA LEU A 91 5.17 14.41 -18.29
C LEU A 91 5.72 13.12 -18.88
N HIS A 92 5.74 12.06 -18.08
CA HIS A 92 6.22 10.76 -18.50
C HIS A 92 5.01 9.92 -18.90
N PHE A 93 4.73 9.87 -20.20
CA PHE A 93 3.56 9.15 -20.71
C PHE A 93 3.93 7.69 -20.91
N ARG A 94 3.33 6.81 -20.12
CA ARG A 94 3.53 5.37 -20.25
C ARG A 94 2.34 4.79 -21.01
N LEU A 95 2.61 4.04 -22.07
CA LEU A 95 1.62 3.65 -23.06
C LEU A 95 1.65 2.13 -23.21
N PHE A 96 0.78 1.44 -22.47
CA PHE A 96 0.71 -0.01 -22.52
C PHE A 96 -0.18 -0.44 -23.68
N ASP A 97 0.35 -1.34 -24.52
CA ASP A 97 -0.41 -1.92 -25.63
C ASP A 97 -0.69 -3.36 -25.21
N VAL A 98 -1.89 -3.60 -24.69
CA VAL A 98 -2.24 -4.89 -24.10
C VAL A 98 -2.93 -5.80 -25.11
N GLY A 99 -2.88 -5.45 -26.40
CA GLY A 99 -3.49 -6.29 -27.42
C GLY A 99 -2.80 -7.61 -27.65
N GLY A 100 -1.63 -7.83 -27.04
CA GLY A 100 -0.89 -9.06 -27.19
C GLY A 100 -1.34 -10.21 -26.32
N GLN A 101 -2.38 -10.02 -25.52
CA GLN A 101 -2.88 -11.07 -24.64
C GLN A 101 -4.00 -11.82 -25.37
N ARG A 102 -3.78 -13.09 -25.65
CA ARG A 102 -4.77 -13.92 -26.34
C ARG A 102 -5.61 -14.69 -25.32
N SER A 103 -6.33 -13.93 -24.51
CA SER A 103 -7.18 -14.49 -23.47
C SER A 103 -8.37 -13.58 -23.25
N GLU A 104 -9.14 -13.85 -22.20
CA GLU A 104 -10.31 -13.05 -21.88
C GLU A 104 -9.89 -11.74 -21.21
N ARG A 105 -10.46 -10.63 -21.69
CA ARG A 105 -10.11 -9.32 -21.13
C ARG A 105 -10.50 -9.20 -19.67
N LYS A 106 -11.65 -9.77 -19.28
CA LYS A 106 -12.19 -9.54 -17.95
C LYS A 106 -11.28 -10.03 -16.83
N LYS A 107 -10.40 -10.98 -17.11
CA LYS A 107 -9.60 -11.59 -16.06
C LYS A 107 -8.34 -10.80 -15.73
N TRP A 108 -7.95 -9.83 -16.56
CA TRP A 108 -6.82 -8.98 -16.24
C TRP A 108 -7.11 -7.50 -16.46
N ILE A 109 -8.36 -7.13 -16.75
CA ILE A 109 -8.67 -5.73 -17.00
C ILE A 109 -8.68 -4.91 -15.72
N HIS A 110 -8.78 -5.56 -14.56
CA HIS A 110 -8.74 -4.83 -13.30
C HIS A 110 -7.33 -4.41 -12.91
N CYS A 111 -6.30 -4.90 -13.60
CA CYS A 111 -4.95 -4.40 -13.38
C CYS A 111 -4.85 -2.94 -13.81
N PHE A 112 -5.54 -2.56 -14.89
CA PHE A 112 -5.54 -1.21 -15.41
C PHE A 112 -6.68 -0.36 -14.88
N GLU A 113 -7.13 -0.62 -13.65
CA GLU A 113 -8.24 0.13 -13.09
C GLU A 113 -7.93 1.61 -12.91
N ASP A 114 -6.66 1.95 -12.67
CA ASP A 114 -6.26 3.29 -12.28
C ASP A 114 -5.54 4.06 -13.39
N VAL A 115 -5.73 3.67 -14.65
CA VAL A 115 -5.11 4.40 -15.74
C VAL A 115 -5.79 5.77 -15.90
N THR A 116 -5.00 6.77 -16.29
CA THR A 116 -5.54 8.12 -16.44
C THR A 116 -6.57 8.18 -17.56
N ALA A 117 -6.29 7.53 -18.68
CA ALA A 117 -7.20 7.54 -19.81
C ALA A 117 -6.94 6.33 -20.68
N ILE A 118 -7.91 6.03 -21.55
CA ILE A 118 -7.81 4.92 -22.49
C ILE A 118 -7.72 5.50 -23.89
N ILE A 119 -6.67 5.16 -24.61
CA ILE A 119 -6.48 5.62 -25.97
C ILE A 119 -6.98 4.52 -26.91
N PHE A 120 -7.94 4.87 -27.76
CA PHE A 120 -8.57 3.92 -28.68
C PHE A 120 -8.22 4.29 -30.10
N CYS A 121 -7.74 3.32 -30.87
CA CYS A 121 -7.40 3.51 -32.27
C CYS A 121 -8.36 2.72 -33.14
N VAL A 122 -8.95 3.39 -34.13
CA VAL A 122 -9.95 2.79 -35.01
C VAL A 122 -9.46 2.93 -36.45
N ASP A 123 -9.46 1.83 -37.18
CA ASP A 123 -9.05 1.82 -38.58
C ASP A 123 -10.26 2.11 -39.44
N LEU A 124 -10.30 3.33 -40.00
CA LEU A 124 -11.42 3.73 -40.85
C LEU A 124 -11.35 3.14 -42.25
N SER A 125 -10.24 2.50 -42.62
CA SER A 125 -10.08 1.93 -43.95
C SER A 125 -10.66 0.52 -44.08
N ASP A 126 -11.17 -0.05 -43.00
CA ASP A 126 -11.74 -1.40 -43.06
C ASP A 126 -13.26 -1.36 -42.98
N HIS A 131 -16.71 -3.39 -37.91
CA HIS A 131 -17.70 -3.46 -36.85
C HIS A 131 -17.12 -4.12 -35.61
N GLU A 132 -16.01 -4.84 -35.78
CA GLU A 132 -15.35 -5.47 -34.64
C GLU A 132 -14.80 -4.43 -33.67
N SER A 133 -14.25 -3.33 -34.21
CA SER A 133 -13.75 -2.26 -33.35
C SER A 133 -14.89 -1.63 -32.56
N LEU A 134 -16.06 -1.46 -33.20
CA LEU A 134 -17.20 -0.89 -32.51
C LEU A 134 -17.68 -1.79 -31.38
N MET A 135 -17.70 -3.10 -31.62
CA MET A 135 -18.09 -4.04 -30.57
C MET A 135 -17.10 -4.02 -29.42
N LEU A 136 -15.80 -3.98 -29.73
CA LEU A 136 -14.79 -3.92 -28.67
C LEU A 136 -14.92 -2.63 -27.86
N PHE A 137 -15.18 -1.51 -28.55
CA PHE A 137 -15.38 -0.25 -27.85
C PHE A 137 -16.61 -0.32 -26.94
N ASP A 138 -17.69 -0.92 -27.42
CA ASP A 138 -18.88 -1.06 -26.60
C ASP A 138 -18.56 -1.91 -25.36
N SER A 139 -17.81 -2.99 -25.54
CA SER A 139 -17.48 -3.86 -24.42
C SER A 139 -16.61 -3.13 -23.40
N ILE A 140 -15.63 -2.35 -23.85
CA ILE A 140 -14.65 -1.78 -22.92
C ILE A 140 -15.10 -0.44 -22.33
N CYS A 141 -16.02 0.27 -22.98
CA CYS A 141 -16.42 1.58 -22.50
C CYS A 141 -17.45 1.51 -21.38
N ASN A 142 -18.08 0.35 -21.17
CA ASN A 142 -19.05 0.17 -20.10
C ASN A 142 -18.61 -0.88 -19.09
N ASN A 143 -17.33 -1.24 -19.07
CA ASN A 143 -16.84 -2.20 -18.10
C ASN A 143 -16.90 -1.60 -16.70
N LYS A 144 -17.15 -2.46 -15.71
CA LYS A 144 -17.41 -1.99 -14.35
C LYS A 144 -16.22 -1.24 -13.77
N PHE A 145 -15.01 -1.56 -14.22
CA PHE A 145 -13.81 -0.88 -13.74
C PHE A 145 -13.48 0.37 -14.55
N PHE A 146 -14.15 0.60 -15.67
CA PHE A 146 -13.87 1.74 -16.55
C PHE A 146 -15.08 2.67 -16.69
N ILE A 147 -15.91 2.75 -15.65
CA ILE A 147 -17.05 3.66 -15.69
C ILE A 147 -16.67 5.10 -15.40
N ASP A 148 -15.45 5.34 -14.90
CA ASP A 148 -15.00 6.69 -14.59
C ASP A 148 -13.75 7.09 -15.36
N THR A 149 -13.23 6.22 -16.22
CA THR A 149 -12.01 6.51 -16.99
C THR A 149 -12.44 6.87 -18.41
N SER A 150 -12.15 8.10 -18.81
CA SER A 150 -12.53 8.58 -20.13
C SER A 150 -11.74 7.87 -21.21
N ILE A 151 -12.33 7.78 -22.40
CA ILE A 151 -11.73 7.08 -23.53
C ILE A 151 -11.39 8.09 -24.61
N ILE A 152 -10.09 8.30 -24.83
CA ILE A 152 -9.63 9.12 -25.94
C ILE A 152 -9.68 8.28 -27.20
N LEU A 153 -10.43 8.74 -28.19
CA LEU A 153 -10.67 7.97 -29.41
C LEU A 153 -9.90 8.58 -30.57
N PHE A 154 -9.13 7.75 -31.27
CA PHE A 154 -8.36 8.15 -32.43
C PHE A 154 -8.94 7.49 -33.67
N LEU A 155 -9.24 8.28 -34.69
CA LEU A 155 -9.75 7.78 -35.96
C LEU A 155 -8.63 7.90 -36.98
N ASN A 156 -7.87 6.82 -37.16
CA ASN A 156 -6.72 6.83 -38.04
C ASN A 156 -7.14 6.63 -39.49
N LYS A 157 -6.18 6.78 -40.40
CA LYS A 157 -6.36 6.55 -41.83
C LYS A 157 -7.48 7.43 -42.38
N LYS A 158 -7.41 8.73 -42.06
CA LYS A 158 -8.43 9.66 -42.56
C LYS A 158 -8.37 9.78 -44.07
N ASP A 159 -7.17 9.92 -44.63
CA ASP A 159 -7.04 10.08 -46.08
C ASP A 159 -7.34 8.79 -46.83
N LEU A 160 -6.91 7.64 -46.30
CA LEU A 160 -7.31 6.37 -46.89
C LEU A 160 -8.83 6.19 -46.83
N PHE A 161 -9.44 6.60 -45.72
CA PHE A 161 -10.89 6.53 -45.62
C PHE A 161 -11.56 7.41 -46.67
N GLY A 162 -11.02 8.61 -46.88
CA GLY A 162 -11.57 9.49 -47.91
C GLY A 162 -11.44 8.89 -49.30
N GLU A 163 -10.29 8.29 -49.60
CA GLU A 163 -10.10 7.64 -50.90
C GLU A 163 -11.07 6.48 -51.08
N LYS A 164 -11.27 5.68 -50.01
CA LYS A 164 -12.21 4.58 -50.10
C LYS A 164 -13.64 5.09 -50.30
N ILE A 165 -14.01 6.16 -49.61
CA ILE A 165 -15.35 6.72 -49.76
C ILE A 165 -15.55 7.24 -51.18
N LYS A 166 -14.50 7.82 -51.77
CA LYS A 166 -14.60 8.32 -53.14
C LYS A 166 -14.88 7.22 -54.15
N LYS A 167 -14.66 5.95 -53.79
CA LYS A 167 -14.92 4.83 -54.68
C LYS A 167 -15.96 3.85 -54.13
N SER A 168 -16.01 3.64 -52.82
CA SER A 168 -16.94 2.71 -52.20
C SER A 168 -17.69 3.42 -51.08
N PRO A 169 -18.99 3.19 -50.94
CA PRO A 169 -19.76 3.92 -49.93
C PRO A 169 -19.79 3.23 -48.57
N LEU A 170 -20.15 4.03 -47.56
CA LEU A 170 -20.19 3.57 -46.18
C LEU A 170 -21.33 2.59 -45.91
N THR A 171 -22.26 2.44 -46.87
CA THR A 171 -23.36 1.50 -46.68
C THR A 171 -22.86 0.07 -46.52
N ILE A 172 -21.70 -0.25 -47.11
CA ILE A 172 -21.17 -1.60 -47.02
C ILE A 172 -20.84 -1.96 -45.58
N CYS A 173 -20.19 -1.04 -44.86
CA CYS A 173 -19.86 -1.28 -43.46
C CYS A 173 -21.00 -0.90 -42.53
N PHE A 174 -21.84 0.06 -42.92
CA PHE A 174 -22.97 0.51 -42.13
C PHE A 174 -24.23 0.49 -42.99
N PRO A 175 -24.96 -0.62 -42.99
CA PRO A 175 -26.16 -0.71 -43.84
C PRO A 175 -27.23 0.32 -43.51
N GLU A 176 -27.21 0.88 -42.29
CA GLU A 176 -28.22 1.86 -41.89
C GLU A 176 -27.85 3.29 -42.28
N TYR A 177 -26.73 3.49 -42.95
CA TYR A 177 -26.30 4.83 -43.30
C TYR A 177 -27.14 5.38 -44.45
N THR A 178 -27.77 6.53 -44.21
CA THR A 178 -28.55 7.22 -45.23
C THR A 178 -28.12 8.69 -45.20
N GLY A 179 -27.35 9.10 -46.19
CA GLY A 179 -26.87 10.46 -46.26
C GLY A 179 -25.99 10.71 -47.46
N PRO A 180 -25.39 11.90 -47.53
CA PRO A 180 -24.51 12.22 -48.66
C PRO A 180 -23.26 11.37 -48.66
N ASN A 181 -22.76 11.10 -49.87
CA ASN A 181 -21.54 10.31 -50.03
C ASN A 181 -20.35 11.26 -50.10
N THR A 182 -20.00 11.79 -48.92
CA THR A 182 -18.87 12.68 -48.77
C THR A 182 -18.01 12.23 -47.60
N TYR A 183 -16.72 12.60 -47.65
CA TYR A 183 -15.80 12.19 -46.61
C TYR A 183 -16.19 12.78 -45.25
N GLU A 184 -16.55 14.06 -45.24
CA GLU A 184 -16.87 14.72 -43.97
C GLU A 184 -18.11 14.13 -43.33
N ASP A 185 -19.17 13.92 -44.11
CA ASP A 185 -20.41 13.39 -43.57
C ASP A 185 -20.22 11.97 -43.05
N ALA A 186 -19.52 11.12 -43.80
CA ALA A 186 -19.28 9.76 -43.36
C ALA A 186 -18.42 9.73 -42.10
N ALA A 187 -17.39 10.57 -42.03
CA ALA A 187 -16.55 10.63 -40.84
C ALA A 187 -17.36 11.08 -39.63
N ALA A 188 -18.21 12.09 -39.80
CA ALA A 188 -19.05 12.55 -38.70
C ALA A 188 -20.02 11.46 -38.27
N TYR A 189 -20.59 10.73 -39.22
CA TYR A 189 -21.52 9.66 -38.87
C TYR A 189 -20.82 8.55 -38.08
N ILE A 190 -19.63 8.15 -38.51
CA ILE A 190 -18.88 7.13 -37.78
C ILE A 190 -18.51 7.62 -36.40
N GLN A 191 -18.09 8.88 -36.29
CA GLN A 191 -17.76 9.45 -34.99
C GLN A 191 -18.98 9.45 -34.06
N ALA A 192 -20.13 9.81 -34.59
CA ALA A 192 -21.36 9.80 -33.78
C ALA A 192 -21.71 8.39 -33.35
N GLN A 193 -21.58 7.42 -34.25
CA GLN A 193 -21.87 6.03 -33.89
C GLN A 193 -20.93 5.54 -32.78
N PHE A 194 -19.66 5.88 -32.88
CA PHE A 194 -18.72 5.47 -31.83
C PHE A 194 -19.05 6.15 -30.51
N GLU A 195 -19.35 7.45 -30.54
CA GLU A 195 -19.64 8.16 -29.30
C GLU A 195 -20.96 7.73 -28.68
N SER A 196 -21.87 7.17 -29.48
CA SER A 196 -23.19 6.82 -28.98
C SER A 196 -23.20 5.55 -28.13
N LYS A 197 -22.08 4.84 -28.03
CA LYS A 197 -22.05 3.56 -27.32
C LYS A 197 -21.79 3.72 -25.83
N ASN A 198 -21.61 4.93 -25.33
CA ASN A 198 -21.48 5.14 -23.90
C ASN A 198 -22.82 5.55 -23.28
N ARG A 199 -22.96 5.30 -21.98
CA ARG A 199 -24.11 5.76 -21.21
C ARG A 199 -23.76 6.43 -19.90
N SER A 200 -22.55 6.22 -19.37
CA SER A 200 -22.16 6.89 -18.14
C SER A 200 -21.86 8.36 -18.43
N PRO A 201 -22.55 9.30 -17.78
CA PRO A 201 -22.29 10.73 -18.02
C PRO A 201 -21.03 11.24 -17.35
N ASN A 202 -20.35 10.44 -16.54
CA ASN A 202 -19.14 10.85 -15.86
C ASN A 202 -17.89 10.64 -16.71
N LYS A 203 -18.03 10.13 -17.92
CA LYS A 203 -16.90 9.91 -18.82
C LYS A 203 -17.18 10.59 -20.15
N GLU A 204 -16.12 11.03 -20.81
CA GLU A 204 -16.22 11.76 -22.06
C GLU A 204 -15.27 11.13 -23.08
N ILE A 205 -15.64 11.24 -24.36
CA ILE A 205 -14.87 10.67 -25.45
C ILE A 205 -14.29 11.82 -26.25
N TYR A 206 -12.96 11.91 -26.30
CA TYR A 206 -12.27 12.99 -26.99
C TYR A 206 -11.90 12.51 -28.39
N CYS A 207 -12.89 12.54 -29.27
CA CYS A 207 -12.70 12.07 -30.64
C CYS A 207 -11.70 12.97 -31.38
N HIS A 208 -10.80 12.34 -32.12
CA HIS A 208 -9.85 13.07 -32.94
C HIS A 208 -9.44 12.20 -34.12
N MET A 209 -9.16 12.85 -35.24
CA MET A 209 -8.85 12.16 -36.49
C MET A 209 -7.43 12.48 -36.91
N THR A 210 -6.67 11.44 -37.27
CA THR A 210 -5.29 11.58 -37.71
C THR A 210 -5.16 11.12 -39.16
N CYS A 211 -4.14 11.66 -39.83
CA CYS A 211 -3.86 11.35 -41.22
C CYS A 211 -2.77 10.30 -41.37
N ALA A 212 -2.39 9.62 -40.29
CA ALA A 212 -1.35 8.59 -40.29
C ALA A 212 0.01 9.16 -40.66
N THR A 213 0.10 10.49 -40.75
CA THR A 213 1.36 11.17 -41.04
C THR A 213 1.60 12.39 -40.15
N ASP A 214 0.60 12.88 -39.44
CA ASP A 214 0.76 14.05 -38.59
C ASP A 214 1.51 13.67 -37.33
N THR A 215 2.50 14.49 -36.97
CA THR A 215 3.30 14.27 -35.78
C THR A 215 2.77 15.02 -34.56
N ASN A 216 1.62 15.68 -34.69
CA ASN A 216 1.06 16.49 -33.62
C ASN A 216 0.11 15.71 -32.71
N ASN A 217 -0.02 14.40 -32.91
CA ASN A 217 -0.92 13.62 -32.06
C ASN A 217 -0.46 13.62 -30.61
N ALA A 218 0.84 13.82 -30.37
CA ALA A 218 1.33 13.92 -29.00
C ALA A 218 0.71 15.10 -28.28
N GLN A 219 0.59 16.24 -28.96
CA GLN A 219 -0.04 17.41 -28.36
C GLN A 219 -1.51 17.15 -28.04
N VAL A 220 -2.21 16.44 -28.93
CA VAL A 220 -3.61 16.11 -28.69
C VAL A 220 -3.73 15.20 -27.47
N ILE A 221 -2.85 14.20 -27.37
CA ILE A 221 -2.87 13.32 -26.21
C ILE A 221 -2.60 14.13 -24.94
N PHE A 222 -1.64 15.05 -25.01
CA PHE A 222 -1.29 15.85 -23.82
C PHE A 222 -2.47 16.71 -23.38
N ASP A 223 -3.12 17.39 -24.31
CA ASP A 223 -4.19 18.29 -23.89
C ASP A 223 -5.43 17.52 -23.44
N ALA A 224 -5.73 16.39 -24.08
CA ALA A 224 -6.81 15.55 -23.58
C ALA A 224 -6.50 15.03 -22.18
N VAL A 225 -5.25 14.61 -21.95
CA VAL A 225 -4.88 14.09 -20.64
C VAL A 225 -4.98 15.19 -19.57
N THR A 226 -4.56 16.41 -19.91
CA THR A 226 -4.62 17.47 -18.90
C THR A 226 -6.06 17.90 -18.64
N ASP A 227 -6.93 17.84 -19.66
CA ASP A 227 -8.34 18.08 -19.42
C ASP A 227 -8.92 17.02 -18.48
N ILE A 228 -8.57 15.76 -18.71
CA ILE A 228 -9.02 14.69 -17.82
C ILE A 228 -8.49 14.89 -16.41
N ILE A 229 -7.24 15.34 -16.30
CA ILE A 229 -6.64 15.55 -14.99
C ILE A 229 -7.35 16.66 -14.22
N ILE A 230 -7.64 17.77 -14.90
CA ILE A 230 -8.34 18.85 -14.18
C ILE A 230 -9.78 18.44 -13.87
N ALA A 231 -10.41 17.62 -14.72
CA ALA A 231 -11.74 17.12 -14.38
C ALA A 231 -11.70 16.23 -13.15
N ASN A 232 -10.70 15.35 -13.07
CA ASN A 232 -10.55 14.49 -11.89
C ASN A 232 -10.24 15.31 -10.65
N ASN A 233 -9.43 16.37 -10.80
CA ASN A 233 -9.15 17.25 -9.66
C ASN A 233 -10.41 17.96 -9.18
N LEU A 234 -11.24 18.42 -10.12
CA LEU A 234 -12.51 19.03 -9.74
C LEU A 234 -13.43 18.02 -9.05
N ARG A 235 -13.41 16.77 -9.50
CA ARG A 235 -14.18 15.73 -8.82
C ARG A 235 -13.66 15.53 -7.39
N GLY A 236 -12.33 15.51 -7.23
CA GLY A 236 -11.75 15.29 -5.92
C GLY A 236 -11.99 16.43 -4.94
N CYS A 237 -12.26 17.62 -5.44
CA CYS A 237 -12.56 18.77 -4.59
C CYS A 237 -14.04 18.86 -4.25
N GLY A 238 -14.85 17.88 -4.67
CA GLY A 238 -16.27 17.91 -4.40
C GLY A 238 -17.00 19.06 -5.06
N LEU A 239 -16.62 19.39 -6.29
CA LEU A 239 -17.22 20.51 -7.00
C LEU A 239 -17.58 20.21 -8.45
N TYR A 240 -17.00 19.19 -9.07
CA TYR A 240 -17.34 18.82 -10.44
C TYR A 240 -18.79 18.33 -10.53
N GLU B 13 -18.63 -39.74 -38.04
CA GLU B 13 -18.12 -40.34 -36.81
C GLU B 13 -18.16 -39.35 -35.66
N LEU B 14 -18.25 -38.06 -36.00
CA LEU B 14 -18.31 -37.03 -34.96
C LEU B 14 -19.57 -37.16 -34.13
N ASP B 15 -20.70 -37.48 -34.78
CA ASP B 15 -21.94 -37.66 -34.05
C ASP B 15 -21.85 -38.85 -33.09
N GLN B 16 -21.22 -39.94 -33.53
CA GLN B 16 -21.02 -41.08 -32.65
C GLN B 16 -20.15 -40.72 -31.46
N LEU B 17 -19.08 -39.96 -31.69
CA LEU B 17 -18.22 -39.53 -30.59
C LEU B 17 -18.98 -38.65 -29.61
N ARG B 18 -19.80 -37.72 -30.12
CA ARG B 18 -20.59 -36.87 -29.24
C ARG B 18 -21.58 -37.69 -28.43
N GLN B 19 -22.22 -38.67 -29.06
CA GLN B 19 -23.16 -39.54 -28.34
C GLN B 19 -22.45 -40.33 -27.26
N GLU B 20 -21.26 -40.86 -27.56
CA GLU B 20 -20.50 -41.59 -26.57
C GLU B 20 -20.09 -40.69 -25.40
N ALA B 21 -19.69 -39.44 -25.70
CA ALA B 21 -19.34 -38.51 -24.65
C ALA B 21 -20.55 -38.19 -23.77
N GLU B 22 -21.72 -37.99 -24.39
CA GLU B 22 -22.93 -37.73 -23.62
C GLU B 22 -23.29 -38.92 -22.73
N GLN B 23 -23.16 -40.14 -23.27
CA GLN B 23 -23.45 -41.34 -22.48
C GLN B 23 -22.48 -41.45 -21.30
N LEU B 24 -21.19 -41.18 -21.54
CA LEU B 24 -20.21 -41.23 -20.46
C LEU B 24 -20.51 -40.19 -19.39
N LYS B 25 -20.89 -38.97 -19.81
CA LYS B 25 -21.24 -37.93 -18.85
C LYS B 25 -22.47 -38.33 -18.03
N ASN B 26 -23.47 -38.92 -18.69
CA ASN B 26 -24.65 -39.40 -17.98
C ASN B 26 -24.29 -40.49 -16.98
N GLN B 27 -23.41 -41.40 -17.36
CA GLN B 27 -22.96 -42.44 -16.45
C GLN B 27 -22.23 -41.85 -15.25
N ILE B 28 -21.38 -40.86 -15.49
CA ILE B 28 -20.67 -40.19 -14.40
C ILE B 28 -21.67 -39.53 -13.45
N ARG B 29 -22.66 -38.83 -14.01
CA ARG B 29 -23.65 -38.16 -13.17
C ARG B 29 -24.45 -39.16 -12.35
N ASP B 30 -24.85 -40.28 -12.97
CA ASP B 30 -25.59 -41.30 -12.24
C ASP B 30 -24.76 -41.91 -11.12
N ALA B 31 -23.49 -42.19 -11.40
CA ALA B 31 -22.61 -42.76 -10.38
C ALA B 31 -22.41 -41.78 -9.23
N ARG B 32 -22.19 -40.51 -9.54
CA ARG B 32 -21.98 -39.51 -8.49
C ARG B 32 -23.23 -39.33 -7.64
N LYS B 33 -24.41 -39.32 -8.27
CA LYS B 33 -25.65 -39.15 -7.52
C LYS B 33 -26.05 -40.41 -6.76
N ALA B 34 -25.57 -41.58 -7.18
CA ALA B 34 -25.96 -42.82 -6.50
C ALA B 34 -25.31 -42.95 -5.13
N CYS B 35 -24.15 -42.33 -4.93
CA CYS B 35 -23.41 -42.47 -3.68
C CYS B 35 -23.83 -41.47 -2.62
N ALA B 36 -24.69 -40.50 -2.95
CA ALA B 36 -25.07 -39.45 -2.00
C ALA B 36 -26.24 -39.94 -1.14
N ASP B 37 -25.92 -40.89 -0.25
CA ASP B 37 -26.92 -41.40 0.67
C ASP B 37 -27.39 -40.32 1.64
N ALA B 38 -26.45 -39.52 2.14
CA ALA B 38 -26.77 -38.45 3.09
C ALA B 38 -25.83 -37.29 2.85
N THR B 39 -26.36 -36.07 2.96
CA THR B 39 -25.55 -34.88 2.77
C THR B 39 -24.77 -34.56 4.04
N LEU B 40 -23.87 -33.58 3.92
CA LEU B 40 -23.02 -33.22 5.05
C LEU B 40 -23.80 -32.54 6.16
N SER B 41 -24.85 -31.78 5.83
CA SER B 41 -25.55 -30.99 6.83
C SER B 41 -26.25 -31.88 7.87
N GLN B 42 -26.98 -32.89 7.40
CA GLN B 42 -27.71 -33.75 8.32
C GLN B 42 -26.81 -34.69 9.11
N ILE B 43 -25.54 -34.80 8.74
CA ILE B 43 -24.58 -35.55 9.54
C ILE B 43 -23.89 -34.64 10.56
N THR B 44 -23.54 -33.43 10.15
CA THR B 44 -22.88 -32.48 11.03
C THR B 44 -23.85 -31.81 12.00
N ASN B 45 -25.17 -31.98 11.82
CA ASN B 45 -26.13 -31.39 12.74
C ASN B 45 -25.93 -31.86 14.18
N ASN B 46 -25.35 -33.05 14.38
CA ASN B 46 -25.13 -33.57 15.72
C ASN B 46 -23.96 -32.88 16.43
N ILE B 47 -23.16 -32.09 15.72
CA ILE B 47 -22.02 -31.41 16.31
C ILE B 47 -22.48 -30.07 16.86
N ASP B 48 -21.89 -29.68 18.00
CA ASP B 48 -22.21 -28.38 18.57
C ASP B 48 -21.69 -27.25 17.69
N PRO B 49 -22.28 -26.07 17.73
CA PRO B 49 -21.79 -24.96 16.91
C PRO B 49 -20.41 -24.51 17.37
N VAL B 50 -19.63 -24.02 16.40
CA VAL B 50 -18.30 -23.50 16.72
C VAL B 50 -18.41 -22.22 17.54
N GLY B 51 -19.52 -21.51 17.43
CA GLY B 51 -19.68 -20.24 18.11
C GLY B 51 -19.07 -19.10 17.31
N ARG B 52 -19.35 -17.88 17.78
CA ARG B 52 -18.85 -16.70 17.10
C ARG B 52 -17.33 -16.62 17.28
N ILE B 53 -16.63 -16.35 16.17
CA ILE B 53 -15.17 -16.21 16.18
C ILE B 53 -14.85 -14.74 16.00
N GLN B 54 -14.21 -14.15 17.01
CA GLN B 54 -13.83 -12.74 16.99
C GLN B 54 -12.33 -12.64 16.74
N MET B 55 -11.96 -11.78 15.79
CA MET B 55 -10.56 -11.62 15.40
C MET B 55 -10.22 -10.14 15.35
N ARG B 56 -9.02 -9.79 15.82
CA ARG B 56 -8.58 -8.41 15.89
C ARG B 56 -7.27 -8.24 15.13
N THR B 57 -7.10 -7.08 14.50
CA THR B 57 -5.93 -6.80 13.68
C THR B 57 -4.71 -6.62 14.59
N ARG B 58 -3.90 -7.66 14.71
CA ARG B 58 -2.72 -7.57 15.56
C ARG B 58 -1.63 -6.73 14.91
N ARG B 59 -1.39 -6.93 13.62
CA ARG B 59 -0.36 -6.21 12.89
C ARG B 59 -0.95 -5.61 11.63
N THR B 60 -0.29 -4.56 11.13
CA THR B 60 -0.66 -3.95 9.86
C THR B 60 0.62 -3.55 9.14
N LEU B 61 0.85 -4.14 7.98
CA LEU B 61 2.10 -3.97 7.25
C LEU B 61 1.95 -2.82 6.26
N ARG B 62 2.27 -1.62 6.71
CA ARG B 62 2.31 -0.45 5.83
C ARG B 62 3.62 -0.44 5.06
N GLY B 63 3.58 0.13 3.85
CA GLY B 63 4.76 0.22 3.03
C GLY B 63 4.51 0.03 1.55
N HIS B 64 3.45 -0.66 1.20
CA HIS B 64 3.08 -0.83 -0.20
C HIS B 64 2.37 0.41 -0.72
N LEU B 65 2.59 0.71 -2.00
CA LEU B 65 2.06 1.92 -2.61
C LEU B 65 1.13 1.62 -3.79
N ALA B 66 0.62 0.40 -3.88
CA ALA B 66 -0.30 0.02 -4.95
C ALA B 66 -1.10 -1.19 -4.47
N LYS B 67 -1.99 -1.67 -5.33
CA LYS B 67 -2.82 -2.80 -4.96
C LYS B 67 -1.97 -4.06 -4.79
N ILE B 68 -2.26 -4.82 -3.74
CA ILE B 68 -1.57 -6.07 -3.44
C ILE B 68 -2.34 -7.20 -4.10
N TYR B 69 -1.64 -8.02 -4.89
CA TYR B 69 -2.26 -9.09 -5.66
C TYR B 69 -1.91 -10.48 -5.17
N ALA B 70 -0.97 -10.63 -4.26
CA ALA B 70 -0.63 -11.95 -3.74
C ALA B 70 0.04 -11.81 -2.39
N MET B 71 -0.01 -12.91 -1.63
CA MET B 71 0.65 -12.98 -0.33
C MET B 71 0.78 -14.44 0.07
N HIS B 72 2.01 -14.91 0.27
CA HIS B 72 2.25 -16.31 0.63
C HIS B 72 3.12 -16.34 1.87
N TRP B 73 2.63 -16.98 2.93
CA TRP B 73 3.41 -17.15 4.14
C TRP B 73 4.56 -18.11 3.91
N GLY B 74 5.69 -17.83 4.53
CA GLY B 74 6.78 -18.77 4.53
C GLY B 74 6.47 -19.99 5.37
N THR B 75 7.26 -21.05 5.18
CA THR B 75 7.03 -22.29 5.92
C THR B 75 7.30 -22.14 7.41
N ASP B 76 7.94 -21.05 7.83
CA ASP B 76 8.23 -20.82 9.24
C ASP B 76 7.16 -20.00 9.93
N SER B 77 6.07 -19.65 9.24
CA SER B 77 4.95 -18.90 9.79
C SER B 77 5.35 -17.51 10.29
N ARG B 78 6.44 -16.97 9.77
CA ARG B 78 6.87 -15.64 10.18
C ARG B 78 7.13 -14.72 9.00
N LEU B 79 7.66 -15.25 7.90
CA LEU B 79 8.02 -14.44 6.74
C LEU B 79 6.86 -14.40 5.76
N LEU B 80 6.35 -13.20 5.49
CA LEU B 80 5.26 -13.01 4.55
C LEU B 80 5.74 -12.18 3.38
N VAL B 81 5.58 -12.70 2.16
CA VAL B 81 5.99 -12.02 0.95
C VAL B 81 4.74 -11.51 0.24
N SER B 82 4.76 -10.24 -0.13
CA SER B 82 3.62 -9.58 -0.77
C SER B 82 4.04 -9.00 -2.11
N ALA B 83 3.24 -9.23 -3.13
CA ALA B 83 3.50 -8.77 -4.49
C ALA B 83 2.46 -7.75 -4.89
N SER B 84 2.91 -6.57 -5.33
CA SER B 84 2.04 -5.48 -5.71
C SER B 84 2.49 -4.90 -7.05
N GLN B 85 1.57 -4.20 -7.71
CA GLN B 85 1.92 -3.60 -8.99
C GLN B 85 2.79 -2.37 -8.86
N ASP B 86 3.30 -2.02 -7.68
CA ASP B 86 4.29 -0.97 -7.60
C ASP B 86 5.63 -1.39 -8.18
N GLY B 87 5.81 -2.67 -8.50
CA GLY B 87 7.07 -3.18 -9.00
C GLY B 87 7.94 -3.84 -7.94
N LYS B 88 7.42 -4.09 -6.75
CA LYS B 88 8.21 -4.61 -5.65
C LYS B 88 7.55 -5.85 -5.08
N LEU B 89 8.37 -6.74 -4.52
CA LEU B 89 7.92 -7.94 -3.81
C LEU B 89 8.62 -7.93 -2.45
N ILE B 90 8.00 -7.27 -1.48
CA ILE B 90 8.62 -7.08 -0.17
C ILE B 90 8.37 -8.31 0.69
N ILE B 91 9.44 -8.84 1.28
CA ILE B 91 9.33 -9.95 2.22
C ILE B 91 9.29 -9.37 3.63
N TRP B 92 8.14 -9.49 4.28
CA TRP B 92 7.92 -8.88 5.59
C TRP B 92 8.37 -9.80 6.71
N ASP B 93 8.41 -9.24 7.91
CA ASP B 93 8.66 -9.98 9.14
C ASP B 93 7.43 -9.75 10.03
N SER B 94 6.50 -10.72 10.01
CA SER B 94 5.19 -10.49 10.60
C SER B 94 5.25 -10.27 12.10
N TYR B 95 6.22 -10.88 12.79
CA TYR B 95 6.30 -10.73 14.23
C TYR B 95 6.60 -9.29 14.64
N THR B 96 7.45 -8.61 13.88
CA THR B 96 7.89 -7.26 14.24
C THR B 96 7.66 -6.22 13.15
N THR B 97 6.84 -6.53 12.14
CA THR B 97 6.40 -5.60 11.10
C THR B 97 7.55 -5.17 10.18
N ASN B 98 8.78 -5.59 10.47
CA ASN B 98 9.93 -5.13 9.71
C ASN B 98 9.90 -5.66 8.27
N LYS B 99 10.67 -5.01 7.42
CA LYS B 99 10.86 -5.44 6.04
C LYS B 99 12.24 -6.05 5.90
N VAL B 100 12.29 -7.29 5.44
CA VAL B 100 13.57 -7.99 5.26
C VAL B 100 14.18 -7.68 3.91
N HIS B 101 13.40 -7.83 2.84
CA HIS B 101 13.86 -7.57 1.49
C HIS B 101 12.82 -6.76 0.73
N ALA B 102 13.27 -6.06 -0.30
CA ALA B 102 12.39 -5.34 -1.22
C ALA B 102 12.93 -5.59 -2.63
N ILE B 103 12.37 -6.59 -3.29
CA ILE B 103 12.89 -7.06 -4.57
C ILE B 103 12.23 -6.26 -5.68
N PRO B 104 12.98 -5.49 -6.47
CA PRO B 104 12.38 -4.73 -7.58
C PRO B 104 12.11 -5.65 -8.76
N LEU B 105 10.82 -5.81 -9.09
CA LEU B 105 10.43 -6.71 -10.16
C LEU B 105 10.83 -6.14 -11.52
N ARG B 106 11.06 -7.05 -12.48
CA ARG B 106 11.39 -6.63 -13.83
C ARG B 106 10.24 -5.85 -14.47
N SER B 107 9.01 -6.31 -14.28
CA SER B 107 7.84 -5.64 -14.80
C SER B 107 6.78 -5.53 -13.71
N SER B 108 5.96 -4.50 -13.81
CA SER B 108 5.07 -4.10 -12.72
C SER B 108 3.75 -4.86 -12.71
N TRP B 109 3.51 -5.77 -13.65
CA TRP B 109 2.24 -6.48 -13.74
C TRP B 109 2.41 -7.87 -13.13
N VAL B 110 2.18 -7.95 -11.82
CA VAL B 110 2.35 -9.18 -11.05
C VAL B 110 0.99 -9.58 -10.48
N MET B 111 0.61 -10.84 -10.69
CA MET B 111 -0.66 -11.35 -10.19
C MET B 111 -0.51 -12.53 -9.24
N THR B 112 0.72 -12.95 -8.94
CA THR B 112 0.92 -14.10 -8.06
C THR B 112 2.27 -13.98 -7.38
N CYS B 113 2.44 -14.76 -6.32
CA CYS B 113 3.72 -14.81 -5.62
C CYS B 113 3.80 -16.14 -4.88
N ALA B 114 5.02 -16.52 -4.51
CA ALA B 114 5.24 -17.77 -3.82
C ALA B 114 6.49 -17.65 -2.95
N TYR B 115 6.57 -18.52 -1.95
CA TYR B 115 7.71 -18.56 -1.04
C TYR B 115 8.11 -20.01 -0.88
N ALA B 116 9.40 -20.30 -1.07
CA ALA B 116 9.86 -21.68 -1.03
C ALA B 116 9.65 -22.27 0.36
N PRO B 117 9.36 -23.57 0.44
CA PRO B 117 9.28 -24.21 1.76
C PRO B 117 10.58 -24.12 2.54
N SER B 118 11.72 -24.15 1.84
CA SER B 118 12.99 -23.95 2.51
C SER B 118 13.30 -22.48 2.77
N GLY B 119 12.58 -21.57 2.13
CA GLY B 119 12.80 -20.15 2.31
C GLY B 119 13.86 -19.55 1.42
N ASN B 120 14.54 -20.34 0.59
CA ASN B 120 15.62 -19.81 -0.22
C ASN B 120 15.10 -19.02 -1.43
N TYR B 121 14.01 -19.45 -2.04
CA TYR B 121 13.56 -18.91 -3.31
C TYR B 121 12.19 -18.24 -3.17
N VAL B 122 12.00 -17.18 -3.96
CA VAL B 122 10.73 -16.47 -4.05
C VAL B 122 10.35 -16.35 -5.51
N ALA B 123 9.14 -16.75 -5.84
CA ALA B 123 8.66 -16.73 -7.22
C ALA B 123 7.82 -15.48 -7.47
N CYS B 124 7.55 -15.23 -8.75
CA CYS B 124 6.79 -14.06 -9.16
C CYS B 124 6.35 -14.25 -10.61
N GLY B 125 5.18 -13.71 -10.93
CA GLY B 125 4.66 -13.83 -12.28
C GLY B 125 3.45 -12.96 -12.47
N GLY B 126 3.08 -12.77 -13.74
CA GLY B 126 1.93 -11.96 -14.09
C GLY B 126 1.65 -11.92 -15.57
N LEU B 127 1.31 -10.73 -16.09
CA LEU B 127 1.06 -10.58 -17.52
C LEU B 127 2.31 -10.74 -18.36
N ASP B 128 3.49 -10.78 -17.73
CA ASP B 128 4.73 -10.93 -18.47
C ASP B 128 4.88 -12.29 -19.12
N ASN B 129 4.01 -13.25 -18.78
CA ASN B 129 4.08 -14.63 -19.25
C ASN B 129 5.36 -15.31 -18.79
N ILE B 130 6.02 -14.78 -17.77
CA ILE B 130 7.28 -15.28 -17.27
C ILE B 130 7.18 -15.43 -15.76
N CYS B 131 7.62 -16.58 -15.25
CA CYS B 131 7.64 -16.86 -13.82
C CYS B 131 9.08 -16.81 -13.35
N SER B 132 9.43 -15.74 -12.63
CA SER B 132 10.81 -15.49 -12.21
C SER B 132 11.05 -16.08 -10.82
N ILE B 133 12.18 -16.75 -10.67
CA ILE B 133 12.59 -17.35 -9.40
C ILE B 133 13.76 -16.55 -8.86
N TYR B 134 13.57 -15.94 -7.70
CA TYR B 134 14.59 -15.12 -7.07
C TYR B 134 15.36 -15.93 -6.04
N ASN B 135 16.59 -15.51 -5.78
CA ASN B 135 17.51 -16.20 -4.88
C ASN B 135 17.76 -15.30 -3.68
N LEU B 136 17.15 -15.66 -2.54
CA LEU B 136 17.26 -14.83 -1.35
C LEU B 136 18.60 -14.98 -0.65
N LYS B 137 19.20 -16.17 -0.69
CA LYS B 137 20.39 -16.48 0.09
C LYS B 137 21.67 -16.34 -0.73
N THR B 138 21.72 -15.38 -1.64
CA THR B 138 22.90 -15.19 -2.47
C THR B 138 24.08 -14.74 -1.63
N ARG B 139 25.27 -15.25 -1.99
CA ARG B 139 26.49 -14.86 -1.28
C ARG B 139 26.88 -13.41 -1.54
N GLU B 140 26.44 -12.84 -2.68
CA GLU B 140 26.75 -11.45 -2.98
C GLU B 140 26.03 -10.47 -2.07
N GLY B 141 25.05 -10.93 -1.30
CA GLY B 141 24.34 -10.10 -0.35
C GLY B 141 23.01 -9.55 -0.83
N ASN B 142 22.77 -9.54 -2.13
CA ASN B 142 21.54 -9.02 -2.70
C ASN B 142 20.70 -10.16 -3.27
N VAL B 143 19.43 -9.85 -3.56
CA VAL B 143 18.51 -10.80 -4.14
C VAL B 143 18.55 -10.67 -5.66
N ARG B 144 18.79 -11.78 -6.35
CA ARG B 144 18.99 -11.77 -7.79
C ARG B 144 18.16 -12.88 -8.43
N VAL B 145 17.80 -12.66 -9.70
CA VAL B 145 17.02 -13.65 -10.44
C VAL B 145 17.87 -14.89 -10.68
N SER B 146 17.31 -16.05 -10.39
CA SER B 146 18.01 -17.32 -10.61
C SER B 146 17.59 -18.01 -11.90
N ARG B 147 16.33 -17.88 -12.30
CA ARG B 147 15.86 -18.45 -13.56
C ARG B 147 14.54 -17.79 -13.93
N GLU B 148 14.50 -17.13 -15.08
CA GLU B 148 13.28 -16.50 -15.58
C GLU B 148 12.58 -17.52 -16.47
N LEU B 149 11.73 -18.33 -15.85
CA LEU B 149 11.04 -19.39 -16.58
C LEU B 149 10.03 -18.81 -17.56
N ALA B 150 10.11 -19.22 -18.81
CA ALA B 150 9.24 -18.72 -19.85
C ALA B 150 8.83 -19.85 -20.78
N GLY B 151 7.72 -19.66 -21.48
CA GLY B 151 7.18 -20.68 -22.35
C GLY B 151 5.67 -20.71 -22.39
N HIS B 152 5.03 -19.92 -21.52
CA HIS B 152 3.58 -19.85 -21.49
C HIS B 152 3.06 -18.82 -22.49
N THR B 153 1.88 -19.08 -23.03
CA THR B 153 1.23 -18.19 -23.99
C THR B 153 0.21 -17.27 -23.34
N GLY B 154 0.09 -17.30 -22.00
CA GLY B 154 -0.83 -16.44 -21.31
C GLY B 154 -0.29 -16.05 -19.95
N TYR B 155 -1.06 -15.21 -19.26
CA TYR B 155 -0.63 -14.71 -17.97
C TYR B 155 -0.56 -15.84 -16.94
N LEU B 156 0.55 -15.88 -16.19
CA LEU B 156 0.71 -16.85 -15.12
C LEU B 156 0.03 -16.31 -13.87
N SER B 157 -1.07 -16.93 -13.47
CA SER B 157 -1.90 -16.42 -12.40
C SER B 157 -1.63 -17.05 -11.04
N CYS B 158 -0.94 -18.19 -10.99
CA CYS B 158 -0.64 -18.82 -9.71
C CYS B 158 0.53 -19.78 -9.89
N CYS B 159 1.51 -19.69 -8.99
CA CYS B 159 2.66 -20.57 -9.01
C CYS B 159 2.99 -21.02 -7.60
N ARG B 160 3.34 -22.29 -7.46
CA ARG B 160 3.67 -22.88 -6.17
C ARG B 160 4.92 -23.74 -6.31
N PHE B 161 5.73 -23.77 -5.26
CA PHE B 161 6.92 -24.62 -5.22
C PHE B 161 6.57 -25.97 -4.63
N LEU B 162 6.73 -27.03 -5.42
CA LEU B 162 6.75 -28.37 -4.84
C LEU B 162 7.98 -28.54 -3.95
N ASP B 163 9.11 -28.01 -4.39
CA ASP B 163 10.34 -27.97 -3.62
C ASP B 163 11.21 -26.86 -4.18
N ASP B 164 12.49 -26.84 -3.78
CA ASP B 164 13.39 -25.79 -4.25
C ASP B 164 13.71 -25.91 -5.73
N ASN B 165 13.47 -27.06 -6.34
CA ASN B 165 13.91 -27.32 -7.71
C ASN B 165 12.78 -27.24 -8.73
N GLN B 166 11.59 -27.74 -8.40
CA GLN B 166 10.50 -27.85 -9.35
C GLN B 166 9.31 -27.01 -8.91
N ILE B 167 8.76 -26.25 -9.85
CA ILE B 167 7.65 -25.33 -9.62
C ILE B 167 6.53 -25.68 -10.58
N VAL B 168 5.29 -25.51 -10.12
CA VAL B 168 4.11 -25.69 -10.95
C VAL B 168 3.43 -24.33 -11.12
N THR B 169 3.10 -23.99 -12.35
CA THR B 169 2.53 -22.68 -12.67
C THR B 169 1.20 -22.86 -13.39
N SER B 170 0.23 -22.03 -13.02
CA SER B 170 -1.09 -22.03 -13.63
C SER B 170 -1.24 -20.78 -14.49
N SER B 171 -1.56 -20.96 -15.75
CA SER B 171 -1.58 -19.89 -16.73
C SER B 171 -3.01 -19.61 -17.20
N GLY B 172 -3.12 -18.59 -18.04
CA GLY B 172 -4.40 -18.20 -18.58
C GLY B 172 -4.62 -18.70 -20.00
N ASP B 173 -3.85 -19.70 -20.40
CA ASP B 173 -4.00 -20.33 -21.71
C ASP B 173 -4.53 -21.75 -21.58
N THR B 174 -5.37 -22.01 -20.58
CA THR B 174 -5.97 -23.32 -20.33
C THR B 174 -4.90 -24.39 -20.12
N THR B 175 -3.81 -24.05 -19.45
CA THR B 175 -2.69 -24.98 -19.30
C THR B 175 -1.98 -24.74 -17.98
N CYS B 176 -1.77 -25.81 -17.23
CA CYS B 176 -0.94 -25.80 -16.04
C CYS B 176 0.30 -26.66 -16.32
N ALA B 177 1.47 -26.15 -15.97
CA ALA B 177 2.72 -26.81 -16.30
C ALA B 177 3.59 -26.93 -15.07
N LEU B 178 4.37 -28.01 -15.01
CA LEU B 178 5.34 -28.24 -13.95
C LEU B 178 6.73 -27.97 -14.52
N TRP B 179 7.38 -26.92 -14.04
CA TRP B 179 8.69 -26.56 -14.55
C TRP B 179 9.79 -27.30 -13.81
N ASP B 180 11.02 -27.03 -14.23
CA ASP B 180 12.22 -27.53 -13.57
C ASP B 180 13.21 -26.36 -13.53
N ILE B 181 13.32 -25.71 -12.37
CA ILE B 181 14.08 -24.46 -12.29
C ILE B 181 15.56 -24.68 -12.60
N GLU B 182 16.05 -25.91 -12.41
CA GLU B 182 17.45 -26.19 -12.70
C GLU B 182 17.76 -26.03 -14.18
N THR B 183 16.86 -26.50 -15.04
CA THR B 183 17.04 -26.43 -16.49
C THR B 183 16.14 -25.43 -17.18
N GLY B 184 15.05 -25.00 -16.54
CA GLY B 184 14.19 -24.00 -17.14
C GLY B 184 13.31 -24.49 -18.27
N GLN B 185 12.88 -25.74 -18.23
CA GLN B 185 12.04 -26.32 -19.27
C GLN B 185 10.84 -27.02 -18.64
N GLN B 186 9.73 -27.03 -19.37
CA GLN B 186 8.50 -27.65 -18.91
C GLN B 186 8.69 -29.15 -18.84
N THR B 187 8.88 -29.69 -17.63
CA THR B 187 9.01 -31.13 -17.47
C THR B 187 7.72 -31.83 -17.84
N THR B 188 6.59 -31.33 -17.37
CA THR B 188 5.28 -31.90 -17.67
C THR B 188 4.27 -30.77 -17.82
N THR B 189 3.45 -30.86 -18.87
CA THR B 189 2.40 -29.88 -19.11
C THR B 189 1.04 -30.57 -19.02
N PHE B 190 0.15 -30.00 -18.23
CA PHE B 190 -1.19 -30.53 -18.03
C PHE B 190 -2.18 -29.70 -18.83
N THR B 191 -2.97 -30.36 -19.66
CA THR B 191 -3.95 -29.70 -20.50
C THR B 191 -5.28 -30.44 -20.42
N GLY B 192 -6.35 -29.71 -20.71
CA GLY B 192 -7.69 -30.27 -20.62
C GLY B 192 -8.72 -29.27 -20.16
N HIS B 193 -8.26 -28.12 -19.66
CA HIS B 193 -9.18 -27.08 -19.26
C HIS B 193 -9.76 -26.37 -20.48
N THR B 194 -10.93 -25.79 -20.31
CA THR B 194 -11.58 -25.04 -21.39
C THR B 194 -11.26 -23.56 -21.33
N GLY B 195 -11.21 -22.97 -20.13
CA GLY B 195 -10.89 -21.57 -19.99
C GLY B 195 -9.62 -21.33 -19.21
N ASP B 196 -9.40 -20.09 -18.78
CA ASP B 196 -8.18 -19.73 -18.08
C ASP B 196 -8.07 -20.47 -16.77
N VAL B 197 -6.90 -21.05 -16.50
CA VAL B 197 -6.64 -21.76 -15.25
C VAL B 197 -6.18 -20.69 -14.25
N MET B 198 -7.15 -20.10 -13.55
CA MET B 198 -6.91 -18.91 -12.74
C MET B 198 -6.49 -19.20 -11.31
N SER B 199 -6.41 -20.46 -10.90
CA SER B 199 -6.00 -20.74 -9.53
C SER B 199 -5.40 -22.14 -9.46
N LEU B 200 -4.70 -22.39 -8.36
CA LEU B 200 -3.95 -23.63 -8.19
C LEU B 200 -3.65 -23.84 -6.72
N SER B 201 -3.56 -25.10 -6.31
CA SER B 201 -3.28 -25.43 -4.91
C SER B 201 -2.68 -26.82 -4.83
N LEU B 202 -1.41 -26.91 -4.44
CA LEU B 202 -0.75 -28.19 -4.32
C LEU B 202 -1.17 -28.91 -3.05
N ALA B 203 -1.25 -30.24 -3.13
CA ALA B 203 -1.66 -31.04 -2.00
C ALA B 203 -0.58 -31.05 -0.91
N PRO B 204 -0.95 -31.37 0.33
CA PRO B 204 0.06 -31.45 1.39
C PRO B 204 1.17 -32.45 1.11
N ASP B 205 0.88 -33.55 0.42
CA ASP B 205 1.92 -34.49 0.04
C ASP B 205 2.64 -34.10 -1.25
N THR B 206 2.17 -33.04 -1.92
CA THR B 206 2.81 -32.47 -3.12
C THR B 206 2.93 -33.49 -4.25
N ARG B 207 2.16 -34.57 -4.21
CA ARG B 207 2.12 -35.52 -5.32
C ARG B 207 0.98 -35.26 -6.29
N LEU B 208 0.10 -34.31 -5.99
CA LEU B 208 -1.01 -33.98 -6.86
C LEU B 208 -1.50 -32.58 -6.49
N PHE B 209 -2.35 -32.03 -7.34
CA PHE B 209 -2.87 -30.68 -7.11
C PHE B 209 -4.15 -30.49 -7.92
N VAL B 210 -4.83 -29.38 -7.65
CA VAL B 210 -6.06 -29.02 -8.33
C VAL B 210 -5.90 -27.63 -8.92
N SER B 211 -6.66 -27.35 -9.97
CA SER B 211 -6.59 -26.07 -10.65
C SER B 211 -8.00 -25.63 -11.02
N GLY B 212 -8.49 -24.57 -10.37
CA GLY B 212 -9.79 -24.03 -10.69
C GLY B 212 -9.75 -23.12 -11.89
N ALA B 213 -10.49 -23.46 -12.92
CA ALA B 213 -10.45 -22.73 -14.18
C ALA B 213 -11.64 -21.80 -14.31
N CYS B 214 -11.60 -20.98 -15.36
CA CYS B 214 -12.69 -20.05 -15.65
C CYS B 214 -13.93 -20.73 -16.20
N ASP B 215 -13.85 -22.02 -16.54
CA ASP B 215 -14.98 -22.76 -17.08
C ASP B 215 -15.84 -23.41 -16.00
N ALA B 216 -15.75 -22.93 -14.76
CA ALA B 216 -16.54 -23.44 -13.64
C ALA B 216 -16.25 -24.93 -13.42
N SER B 217 -14.97 -25.26 -13.30
CA SER B 217 -14.55 -26.63 -13.06
C SER B 217 -13.21 -26.61 -12.35
N ALA B 218 -13.02 -27.58 -11.47
CA ALA B 218 -11.78 -27.71 -10.69
C ALA B 218 -11.24 -29.11 -10.89
N LYS B 219 -10.37 -29.28 -11.88
CA LYS B 219 -9.85 -30.59 -12.22
C LYS B 219 -8.73 -31.00 -11.26
N LEU B 220 -8.73 -32.27 -10.89
CA LEU B 220 -7.71 -32.85 -10.04
C LEU B 220 -6.61 -33.42 -10.92
N TRP B 221 -5.46 -32.76 -10.94
CA TRP B 221 -4.34 -33.21 -11.74
C TRP B 221 -3.48 -34.18 -10.96
N ASP B 222 -2.46 -34.73 -11.64
CA ASP B 222 -1.47 -35.58 -11.01
C ASP B 222 -0.09 -35.17 -11.52
N VAL B 223 0.82 -34.90 -10.58
CA VAL B 223 2.10 -34.30 -10.95
C VAL B 223 2.97 -35.30 -11.73
N ARG B 224 2.98 -36.56 -11.31
CA ARG B 224 3.90 -37.53 -11.90
C ARG B 224 3.50 -37.89 -13.33
N GLU B 225 2.31 -38.47 -13.50
CA GLU B 225 1.90 -38.97 -14.80
C GLU B 225 1.35 -37.87 -15.72
N GLY B 226 1.03 -36.71 -15.19
CA GLY B 226 0.49 -35.64 -16.01
C GLY B 226 -0.88 -35.92 -16.59
N MET B 227 -1.73 -36.61 -15.84
CA MET B 227 -3.08 -36.94 -16.29
C MET B 227 -4.09 -36.50 -15.24
N CYS B 228 -5.22 -35.97 -15.71
CA CYS B 228 -6.28 -35.50 -14.84
C CYS B 228 -7.05 -36.71 -14.32
N ARG B 229 -6.92 -36.98 -13.02
CA ARG B 229 -7.58 -38.15 -12.44
C ARG B 229 -9.09 -37.95 -12.37
N GLN B 230 -9.53 -36.80 -11.85
CA GLN B 230 -10.95 -36.53 -11.66
C GLN B 230 -11.24 -35.08 -12.05
N THR B 231 -12.49 -34.82 -12.39
CA THR B 231 -12.96 -33.47 -12.69
C THR B 231 -14.21 -33.18 -11.87
N PHE B 232 -14.32 -31.95 -11.39
CA PHE B 232 -15.43 -31.53 -10.55
C PHE B 232 -16.13 -30.34 -11.19
N THR B 233 -17.46 -30.35 -11.16
CA THR B 233 -18.25 -29.25 -11.68
C THR B 233 -19.38 -28.94 -10.69
N GLY B 234 -20.09 -27.84 -10.94
CA GLY B 234 -21.18 -27.44 -10.07
C GLY B 234 -21.26 -25.95 -9.88
N HIS B 235 -20.25 -25.22 -10.36
CA HIS B 235 -20.24 -23.78 -10.22
C HIS B 235 -20.98 -23.12 -11.39
N GLU B 236 -21.56 -21.95 -11.11
CA GLU B 236 -22.26 -21.17 -12.11
C GLU B 236 -21.41 -20.05 -12.69
N SER B 237 -20.13 -19.95 -12.32
CA SER B 237 -19.25 -18.91 -12.83
C SER B 237 -17.81 -19.36 -12.63
N ASP B 238 -16.87 -18.45 -12.87
CA ASP B 238 -15.46 -18.78 -12.82
C ASP B 238 -15.02 -19.10 -11.40
N ILE B 239 -13.93 -19.85 -11.29
CA ILE B 239 -13.32 -20.19 -10.01
C ILE B 239 -12.10 -19.31 -9.81
N ASN B 240 -12.16 -18.41 -8.84
CA ASN B 240 -11.08 -17.46 -8.63
C ASN B 240 -10.04 -17.93 -7.64
N ALA B 241 -10.36 -18.90 -6.80
CA ALA B 241 -9.39 -19.41 -5.83
C ALA B 241 -9.79 -20.81 -5.42
N ILE B 242 -8.83 -21.53 -4.85
CA ILE B 242 -9.03 -22.93 -4.51
C ILE B 242 -7.94 -23.35 -3.52
N CYS B 243 -8.28 -24.24 -2.58
CA CYS B 243 -7.32 -24.67 -1.58
C CYS B 243 -7.75 -26.03 -1.05
N PHE B 244 -6.75 -26.88 -0.78
CA PHE B 244 -7.03 -28.19 -0.21
C PHE B 244 -7.49 -28.09 1.24
N PHE B 245 -8.30 -29.07 1.64
CA PHE B 245 -8.56 -29.27 3.06
C PHE B 245 -7.28 -29.72 3.75
N PRO B 246 -7.14 -29.45 5.05
CA PRO B 246 -5.89 -29.81 5.73
C PRO B 246 -5.55 -31.28 5.64
N ASN B 247 -6.57 -32.13 5.62
CA ASN B 247 -6.34 -33.57 5.50
C ASN B 247 -5.82 -33.96 4.12
N GLY B 248 -6.12 -33.18 3.10
CA GLY B 248 -5.74 -33.52 1.74
C GLY B 248 -6.76 -34.32 0.97
N ASN B 249 -7.84 -34.76 1.60
CA ASN B 249 -8.89 -35.52 0.94
C ASN B 249 -10.05 -34.66 0.47
N ALA B 250 -9.96 -33.34 0.63
CA ALA B 250 -11.03 -32.44 0.24
C ALA B 250 -10.43 -31.11 -0.15
N PHE B 251 -11.21 -30.32 -0.89
CA PHE B 251 -10.78 -28.97 -1.23
C PHE B 251 -12.00 -28.07 -1.40
N ALA B 252 -11.75 -26.77 -1.31
CA ALA B 252 -12.81 -25.76 -1.37
C ALA B 252 -12.53 -24.82 -2.52
N THR B 253 -13.52 -24.61 -3.37
CA THR B 253 -13.37 -23.78 -4.56
C THR B 253 -14.11 -22.47 -4.34
N GLY B 254 -13.41 -21.36 -4.45
CA GLY B 254 -14.03 -20.05 -4.31
C GLY B 254 -14.46 -19.48 -5.63
N SER B 255 -15.74 -19.60 -5.95
CA SER B 255 -16.25 -19.16 -7.24
C SER B 255 -16.46 -17.65 -7.24
N ASP B 256 -16.78 -17.13 -8.42
CA ASP B 256 -17.15 -15.73 -8.57
C ASP B 256 -18.66 -15.51 -8.49
N ASP B 257 -19.43 -16.55 -8.20
CA ASP B 257 -20.87 -16.45 -8.06
C ASP B 257 -21.31 -16.29 -6.62
N ALA B 258 -20.49 -15.64 -5.79
CA ALA B 258 -20.81 -15.38 -4.38
C ALA B 258 -21.10 -16.68 -3.62
N THR B 259 -20.35 -17.73 -3.93
CA THR B 259 -20.50 -19.00 -3.25
C THR B 259 -19.17 -19.74 -3.29
N CYS B 260 -19.01 -20.69 -2.36
CA CYS B 260 -17.83 -21.52 -2.32
C CYS B 260 -18.22 -22.90 -1.82
N ARG B 261 -17.79 -23.93 -2.54
CA ARG B 261 -18.19 -25.31 -2.29
C ARG B 261 -17.01 -26.13 -1.80
N LEU B 262 -17.30 -27.11 -0.95
CA LEU B 262 -16.30 -28.02 -0.40
C LEU B 262 -16.49 -29.37 -1.07
N PHE B 263 -15.58 -29.71 -1.99
CA PHE B 263 -15.62 -30.98 -2.69
C PHE B 263 -14.84 -32.03 -1.91
N ASP B 264 -15.17 -33.30 -2.16
CA ASP B 264 -14.47 -34.42 -1.57
C ASP B 264 -13.87 -35.26 -2.69
N LEU B 265 -12.60 -35.64 -2.53
CA LEU B 265 -11.89 -36.32 -3.61
C LEU B 265 -12.42 -37.73 -3.82
N ARG B 266 -12.59 -38.49 -2.73
CA ARG B 266 -13.05 -39.87 -2.86
C ARG B 266 -14.53 -39.95 -3.19
N ALA B 267 -15.35 -39.10 -2.58
CA ALA B 267 -16.77 -39.07 -2.92
C ALA B 267 -16.98 -38.58 -4.35
N ASP B 268 -16.20 -37.58 -4.78
CA ASP B 268 -16.19 -37.07 -6.16
C ASP B 268 -17.41 -36.22 -6.50
N GLN B 269 -17.98 -35.52 -5.51
CA GLN B 269 -18.91 -34.44 -5.82
C GLN B 269 -18.96 -33.48 -4.64
N GLU B 270 -19.65 -32.37 -4.83
CA GLU B 270 -19.75 -31.34 -3.81
C GLU B 270 -20.41 -31.91 -2.54
N LEU B 271 -19.90 -31.47 -1.39
CA LEU B 271 -20.45 -31.88 -0.10
C LEU B 271 -21.31 -30.80 0.53
N MET B 272 -20.78 -29.58 0.67
CA MET B 272 -21.53 -28.47 1.22
C MET B 272 -21.29 -27.22 0.38
N THR B 273 -22.27 -26.32 0.41
CA THR B 273 -22.17 -25.03 -0.24
C THR B 273 -22.32 -23.92 0.79
N TYR B 274 -21.54 -22.85 0.62
CA TYR B 274 -21.50 -21.74 1.57
C TYR B 274 -22.03 -20.50 0.86
N SER B 275 -23.34 -20.30 0.92
CA SER B 275 -23.99 -19.16 0.29
C SER B 275 -24.80 -18.40 1.33
N HIS B 276 -24.86 -17.08 1.16
CA HIS B 276 -25.65 -16.22 2.03
C HIS B 276 -26.36 -15.19 1.18
N ASP B 277 -27.59 -14.85 1.57
CA ASP B 277 -28.39 -13.91 0.79
C ASP B 277 -27.76 -12.52 0.78
N ASN B 278 -27.12 -12.13 1.88
CA ASN B 278 -26.51 -10.80 1.99
C ASN B 278 -25.17 -10.70 1.28
N ILE B 279 -24.82 -11.69 0.45
CA ILE B 279 -23.53 -11.71 -0.25
C ILE B 279 -23.80 -11.75 -1.75
N ILE B 280 -23.21 -10.82 -2.48
CA ILE B 280 -23.34 -10.79 -3.93
C ILE B 280 -22.01 -10.67 -4.66
N CYS B 281 -20.93 -10.27 -3.99
CA CYS B 281 -19.64 -10.11 -4.66
C CYS B 281 -18.96 -11.45 -4.84
N GLY B 282 -17.90 -11.45 -5.67
CA GLY B 282 -17.21 -12.68 -5.97
C GLY B 282 -16.04 -12.95 -5.03
N ILE B 283 -15.85 -14.23 -4.73
CA ILE B 283 -14.75 -14.65 -3.86
C ILE B 283 -13.43 -14.52 -4.61
N THR B 284 -12.41 -14.01 -3.92
CA THR B 284 -11.08 -13.89 -4.49
C THR B 284 -10.03 -14.76 -3.83
N SER B 285 -10.30 -15.32 -2.65
CA SER B 285 -9.33 -16.14 -1.95
C SER B 285 -10.04 -16.96 -0.89
N VAL B 286 -9.83 -18.28 -0.91
CA VAL B 286 -10.40 -19.19 0.08
C VAL B 286 -9.27 -19.98 0.71
N SER B 287 -9.21 -19.99 2.03
CA SER B 287 -8.17 -20.71 2.75
C SER B 287 -8.76 -21.35 4.00
N PHE B 288 -8.30 -22.56 4.30
CA PHE B 288 -8.80 -23.30 5.44
C PHE B 288 -8.03 -22.91 6.70
N SER B 289 -8.39 -23.54 7.81
CA SER B 289 -7.67 -23.39 9.07
C SER B 289 -6.78 -24.61 9.28
N LYS B 290 -6.05 -24.61 10.40
CA LYS B 290 -5.13 -25.71 10.67
C LYS B 290 -5.89 -27.01 10.87
N SER B 291 -7.02 -26.98 11.58
CA SER B 291 -7.82 -28.18 11.80
C SER B 291 -8.87 -28.38 10.71
N GLY B 292 -9.01 -27.44 9.79
CA GLY B 292 -9.99 -27.56 8.73
C GLY B 292 -11.40 -27.18 9.10
N ARG B 293 -11.63 -26.72 10.34
CA ARG B 293 -12.99 -26.39 10.75
C ARG B 293 -13.44 -25.06 10.16
N LEU B 294 -12.55 -24.09 10.06
CA LEU B 294 -12.88 -22.78 9.53
C LEU B 294 -12.46 -22.67 8.07
N LEU B 295 -13.18 -21.85 7.32
CA LEU B 295 -12.90 -21.56 5.91
C LEU B 295 -12.91 -20.05 5.74
N LEU B 296 -11.77 -19.41 6.00
CA LEU B 296 -11.66 -17.96 5.92
C LEU B 296 -11.60 -17.56 4.46
N ALA B 297 -12.76 -17.27 3.88
CA ALA B 297 -12.86 -16.94 2.46
C ALA B 297 -13.03 -15.44 2.28
N GLY B 298 -12.14 -14.83 1.51
CA GLY B 298 -12.27 -13.43 1.20
C GLY B 298 -13.36 -13.16 0.18
N TYR B 299 -13.81 -11.92 0.14
CA TYR B 299 -14.84 -11.50 -0.80
C TYR B 299 -14.48 -10.14 -1.39
N ASP B 300 -15.06 -9.86 -2.56
CA ASP B 300 -14.92 -8.56 -3.19
C ASP B 300 -15.83 -7.51 -2.56
N ASP B 301 -16.68 -7.91 -1.62
CA ASP B 301 -17.59 -7.00 -0.93
C ASP B 301 -16.94 -6.29 0.24
N PHE B 302 -15.61 -6.20 0.25
CA PHE B 302 -14.76 -5.49 1.20
C PHE B 302 -14.53 -6.27 2.50
N ASN B 303 -15.14 -7.43 2.68
CA ASN B 303 -15.04 -8.17 3.93
C ASN B 303 -14.42 -9.55 3.69
N CYS B 304 -14.35 -10.34 4.75
CA CYS B 304 -13.77 -11.68 4.69
C CYS B 304 -14.52 -12.57 5.68
N ASN B 305 -15.49 -13.34 5.17
CA ASN B 305 -16.34 -14.16 6.01
C ASN B 305 -15.60 -15.42 6.45
N VAL B 306 -15.86 -15.84 7.69
CA VAL B 306 -15.32 -17.08 8.23
C VAL B 306 -16.46 -18.08 8.33
N TRP B 307 -16.34 -19.17 7.59
CA TRP B 307 -17.38 -20.18 7.48
C TRP B 307 -16.99 -21.44 8.23
N ASP B 308 -17.93 -21.99 8.99
CA ASP B 308 -17.76 -23.32 9.55
C ASP B 308 -17.78 -24.33 8.40
N ALA B 309 -16.67 -25.04 8.20
CA ALA B 309 -16.56 -25.95 7.07
C ALA B 309 -17.53 -27.12 7.14
N LEU B 310 -18.11 -27.38 8.31
CA LEU B 310 -19.07 -28.47 8.48
C LEU B 310 -20.50 -27.97 8.61
N LYS B 311 -20.75 -27.04 9.54
CA LYS B 311 -22.10 -26.52 9.73
C LYS B 311 -22.54 -25.59 8.60
N ALA B 312 -21.60 -25.14 7.77
CA ALA B 312 -21.90 -24.31 6.61
C ALA B 312 -22.62 -23.01 6.99
N ASP B 313 -22.21 -22.41 8.09
CA ASP B 313 -22.77 -21.14 8.54
C ASP B 313 -21.66 -20.20 8.94
N ARG B 314 -21.94 -18.90 8.87
CA ARG B 314 -20.95 -17.89 9.20
C ARG B 314 -20.58 -17.95 10.67
N ALA B 315 -19.34 -17.59 10.96
CA ALA B 315 -18.84 -17.56 12.33
C ALA B 315 -18.05 -16.29 12.64
N GLY B 316 -18.11 -15.29 11.77
CA GLY B 316 -17.41 -14.05 12.00
C GLY B 316 -17.10 -13.34 10.71
N VAL B 317 -16.90 -12.04 10.82
CA VAL B 317 -16.59 -11.18 9.68
C VAL B 317 -15.32 -10.39 10.00
N LEU B 318 -14.33 -10.48 9.14
CA LEU B 318 -13.06 -9.77 9.33
C LEU B 318 -13.04 -8.48 8.50
N ALA B 319 -13.96 -7.59 8.84
CA ALA B 319 -14.16 -6.35 8.08
C ALA B 319 -13.20 -5.30 8.60
N GLY B 320 -12.06 -5.14 7.93
CA GLY B 320 -11.09 -4.13 8.30
C GLY B 320 -10.39 -3.51 7.12
N HIS B 321 -10.86 -3.82 5.90
CA HIS B 321 -10.23 -3.37 4.67
C HIS B 321 -11.10 -2.35 3.97
N ASP B 322 -10.46 -1.36 3.35
CA ASP B 322 -11.17 -0.34 2.59
C ASP B 322 -11.28 -0.66 1.11
N ASN B 323 -10.79 -1.82 0.67
CA ASN B 323 -10.89 -2.22 -0.73
C ASN B 323 -11.02 -3.73 -0.79
N ARG B 324 -11.23 -4.25 -1.99
CA ARG B 324 -11.42 -5.68 -2.18
C ARG B 324 -10.18 -6.45 -1.76
N VAL B 325 -10.37 -7.54 -1.02
CA VAL B 325 -9.25 -8.38 -0.62
C VAL B 325 -8.86 -9.28 -1.78
N SER B 326 -7.60 -9.21 -2.19
CA SER B 326 -7.10 -10.00 -3.30
C SER B 326 -6.33 -11.24 -2.89
N CYS B 327 -6.14 -11.45 -1.58
CA CYS B 327 -5.43 -12.63 -1.12
C CYS B 327 -5.77 -12.88 0.34
N LEU B 328 -5.60 -14.13 0.75
CA LEU B 328 -5.76 -14.52 2.15
C LEU B 328 -4.89 -15.74 2.40
N GLY B 329 -4.20 -15.74 3.53
CA GLY B 329 -3.31 -16.84 3.85
C GLY B 329 -3.20 -17.15 5.33
N VAL B 330 -3.38 -18.41 5.68
CA VAL B 330 -3.25 -18.88 7.05
C VAL B 330 -1.88 -19.54 7.20
N THR B 331 -1.16 -19.18 8.26
CA THR B 331 0.18 -19.70 8.46
C THR B 331 0.13 -21.21 8.72
N ASP B 332 1.30 -21.84 8.66
CA ASP B 332 1.38 -23.28 8.85
C ASP B 332 0.95 -23.68 10.25
N ASP B 333 1.38 -22.92 11.27
CA ASP B 333 1.00 -23.23 12.64
C ASP B 333 -0.44 -22.80 12.96
N GLY B 334 -1.09 -22.07 12.06
CA GLY B 334 -2.47 -21.69 12.25
C GLY B 334 -2.70 -20.54 13.20
N MET B 335 -1.65 -19.88 13.66
CA MET B 335 -1.80 -18.83 14.66
C MET B 335 -2.08 -17.46 14.06
N ALA B 336 -2.13 -17.34 12.74
CA ALA B 336 -2.38 -16.04 12.13
C ALA B 336 -2.95 -16.22 10.74
N VAL B 337 -3.80 -15.29 10.34
CA VAL B 337 -4.34 -15.21 8.98
C VAL B 337 -4.13 -13.79 8.48
N ALA B 338 -3.61 -13.66 7.26
CA ALA B 338 -3.27 -12.38 6.68
C ALA B 338 -4.09 -12.15 5.41
N THR B 339 -4.70 -10.97 5.32
CA THR B 339 -5.47 -10.59 4.15
C THR B 339 -4.86 -9.33 3.54
N GLY B 340 -4.57 -9.38 2.24
CA GLY B 340 -4.02 -8.23 1.56
C GLY B 340 -4.97 -7.69 0.51
N SER B 341 -5.52 -6.52 0.76
CA SER B 341 -6.50 -5.91 -0.12
C SER B 341 -5.84 -4.86 -1.00
N TRP B 342 -6.64 -4.28 -1.90
CA TRP B 342 -6.11 -3.33 -2.87
C TRP B 342 -5.76 -1.98 -2.26
N ASP B 343 -6.08 -1.76 -0.99
CA ASP B 343 -5.74 -0.50 -0.33
C ASP B 343 -4.29 -0.47 0.16
N SER B 344 -3.45 -1.37 -0.33
CA SER B 344 -2.01 -1.42 -0.08
C SER B 344 -1.67 -1.81 1.36
N PHE B 345 -2.62 -2.30 2.13
CA PHE B 345 -2.38 -2.66 3.53
C PHE B 345 -2.66 -4.13 3.73
N LEU B 346 -1.66 -4.88 4.17
CA LEU B 346 -1.82 -6.28 4.54
C LEU B 346 -1.91 -6.38 6.06
N LYS B 347 -3.04 -6.85 6.55
CA LYS B 347 -3.30 -6.93 7.97
C LYS B 347 -3.24 -8.38 8.43
N ILE B 348 -2.56 -8.60 9.54
CA ILE B 348 -2.39 -9.94 10.12
C ILE B 348 -3.44 -10.11 11.20
N TRP B 349 -4.50 -10.84 10.90
CA TRP B 349 -5.55 -11.10 11.86
C TRP B 349 -5.12 -12.23 12.79
N ASN B 350 -5.94 -12.47 13.81
CA ASN B 350 -5.66 -13.53 14.77
C ASN B 350 -6.88 -13.81 15.64
N ASP C 64 -24.71 60.20 23.22
CA ASP C 64 -25.65 60.10 24.34
C ASP C 64 -24.96 59.54 25.57
N HIS C 65 -23.70 59.12 25.42
CA HIS C 65 -22.95 58.53 26.52
C HIS C 65 -21.47 58.71 26.27
N PHE C 66 -20.69 58.51 27.33
CA PHE C 66 -19.24 58.61 27.25
C PHE C 66 -18.64 57.65 28.28
N LEU C 67 -17.36 57.32 28.09
CA LEU C 67 -16.70 56.34 28.94
C LEU C 67 -15.20 56.46 28.70
N GLU C 68 -14.43 56.34 29.77
CA GLU C 68 -12.98 56.35 29.70
C GLU C 68 -12.46 54.96 30.04
N ILE C 69 -11.73 54.35 29.10
CA ILE C 69 -11.19 53.01 29.28
C ILE C 69 -9.74 53.00 28.84
N ASP C 70 -8.90 52.32 29.63
CA ASP C 70 -7.45 52.25 29.36
C ASP C 70 -6.85 53.63 29.23
N LYS C 71 -7.34 54.60 30.03
CA LYS C 71 -6.89 55.99 30.00
C LYS C 71 -7.15 56.64 28.65
N LYS C 72 -8.25 56.29 28.21
CA LYS C 72 -8.67 56.88 26.94
C LYS C 72 -10.18 56.90 26.87
N ASN C 73 -10.74 58.05 26.46
CA ASN C 73 -12.18 58.17 26.32
C ASN C 73 -12.69 57.29 25.19
N CYS C 74 -13.87 56.71 25.39
CA CYS C 74 -14.47 55.86 24.37
C CYS C 74 -15.99 55.94 24.48
N CYS C 75 -16.66 56.03 23.34
CA CYS C 75 -18.10 56.21 23.28
C CYS C 75 -18.79 54.86 23.12
N VAL C 76 -19.88 54.66 23.85
CA VAL C 76 -20.69 53.46 23.75
C VAL C 76 -22.16 53.86 23.73
N PHE C 77 -22.94 53.21 22.88
CA PHE C 77 -24.37 53.48 22.77
C PHE C 77 -25.15 52.18 22.88
N ARG C 78 -26.25 52.24 23.61
CA ARG C 78 -27.13 51.09 23.82
C ARG C 78 -28.48 51.41 23.21
N ASP C 79 -28.64 51.11 21.93
CA ASP C 79 -29.87 51.41 21.22
C ASP C 79 -30.99 50.46 21.66
N ASP C 80 -32.22 50.79 21.27
CA ASP C 80 -33.38 49.98 21.60
C ASP C 80 -33.80 49.05 20.46
N PHE C 81 -33.51 49.43 19.21
CA PHE C 81 -33.86 48.57 18.08
C PHE C 81 -33.07 47.26 18.07
N ILE C 82 -31.92 47.22 18.76
CA ILE C 82 -31.11 46.01 18.79
C ILE C 82 -31.86 44.89 19.48
N VAL C 83 -32.52 45.19 20.61
CA VAL C 83 -33.21 44.17 21.38
C VAL C 83 -34.35 43.53 20.61
N LYS C 84 -34.96 44.25 19.65
CA LYS C 84 -36.05 43.71 18.85
C LYS C 84 -35.59 43.20 17.49
N VAL C 85 -34.33 43.37 17.13
CA VAL C 85 -33.81 42.99 15.82
C VAL C 85 -32.65 42.00 15.88
N LEU C 86 -31.84 42.08 16.93
CA LEU C 86 -30.68 41.19 17.00
C LEU C 86 -31.05 39.73 17.19
N PRO C 87 -31.76 39.33 18.24
CA PRO C 87 -31.87 37.90 18.55
C PRO C 87 -32.88 37.09 17.74
N PRO C 88 -33.78 37.65 16.90
CA PRO C 88 -34.54 36.70 16.06
C PRO C 88 -33.74 36.20 14.86
N VAL C 89 -33.04 37.10 14.17
CA VAL C 89 -32.20 36.69 13.04
C VAL C 89 -30.99 35.89 13.50
N LEU C 90 -30.36 36.31 14.59
CA LEU C 90 -29.20 35.58 15.11
C LEU C 90 -29.56 34.16 15.53
N GLY C 91 -30.73 33.99 16.16
CA GLY C 91 -31.20 32.65 16.47
C GLY C 91 -31.47 31.83 15.22
N LEU C 92 -32.04 32.46 14.20
CA LEU C 92 -32.27 31.77 12.92
C LEU C 92 -30.95 31.33 12.29
N GLU C 93 -29.95 32.21 12.32
CA GLU C 93 -28.63 31.83 11.84
C GLU C 93 -28.04 30.70 12.70
N PHE C 94 -28.23 30.78 14.02
CA PHE C 94 -27.77 29.72 14.89
C PHE C 94 -28.51 28.41 14.60
N ILE C 95 -29.83 28.49 14.39
CA ILE C 95 -30.60 27.30 14.09
C ILE C 95 -30.21 26.71 12.74
N PHE C 96 -30.12 27.54 11.70
CA PHE C 96 -29.70 27.06 10.38
C PHE C 96 -28.25 26.60 10.40
N GLY C 97 -27.39 27.36 11.09
CA GLY C 97 -25.98 27.00 11.15
C GLY C 97 -25.73 25.68 11.86
N LEU C 98 -26.39 25.47 13.00
CA LEU C 98 -26.24 24.22 13.72
C LEU C 98 -26.78 23.05 12.92
N LEU C 99 -27.93 23.25 12.25
CA LEU C 99 -28.52 22.18 11.46
C LEU C 99 -27.64 21.78 10.27
N GLY C 100 -27.02 22.74 9.61
CA GLY C 100 -26.19 22.43 8.45
C GLY C 100 -24.78 22.02 8.80
N ASN C 101 -24.07 22.86 9.56
CA ASN C 101 -22.69 22.56 9.90
C ASN C 101 -22.58 21.37 10.84
N GLY C 102 -23.59 21.15 11.69
CA GLY C 102 -23.56 20.00 12.58
C GLY C 102 -23.56 18.68 11.83
N LEU C 103 -24.40 18.58 10.80
CA LEU C 103 -24.44 17.37 9.98
C LEU C 103 -23.25 17.26 9.04
N ALA C 104 -22.69 18.39 8.60
CA ALA C 104 -21.57 18.36 7.67
C ALA C 104 -20.34 17.71 8.31
N LEU C 105 -20.03 18.08 9.56
CA LEU C 105 -18.89 17.48 10.23
C LEU C 105 -19.13 16.01 10.56
N TRP C 106 -20.37 15.63 10.86
CA TRP C 106 -20.68 14.23 11.12
C TRP C 106 -20.47 13.38 9.88
N ILE C 107 -20.87 13.89 8.72
CA ILE C 107 -20.70 13.13 7.48
C ILE C 107 -19.23 12.90 7.16
N PHE C 108 -18.40 13.92 7.36
CA PHE C 108 -16.98 13.78 7.07
C PHE C 108 -16.29 12.82 8.03
N TRP C 115 -9.05 10.88 3.06
CA TRP C 115 -8.80 12.32 3.31
C TRP C 115 -7.76 12.82 2.33
N LYS C 116 -8.13 13.83 1.54
CA LYS C 116 -7.23 14.44 0.56
C LYS C 116 -6.91 15.86 0.98
N SER C 117 -6.13 16.57 0.16
CA SER C 117 -5.81 17.96 0.48
C SER C 117 -7.05 18.83 0.50
N SER C 118 -7.95 18.62 -0.46
CA SER C 118 -9.22 19.35 -0.46
C SER C 118 -10.08 18.94 0.72
N ARG C 119 -10.12 17.64 1.03
CA ARG C 119 -10.98 17.16 2.10
C ARG C 119 -10.55 17.70 3.46
N ILE C 120 -9.24 17.72 3.73
CA ILE C 120 -8.77 18.13 5.05
C ILE C 120 -9.01 19.63 5.25
N PHE C 121 -8.85 20.44 4.21
CA PHE C 121 -9.08 21.87 4.33
C PHE C 121 -10.55 22.16 4.62
N LEU C 122 -11.46 21.45 3.96
CA LEU C 122 -12.88 21.62 4.23
C LEU C 122 -13.23 21.15 5.62
N PHE C 123 -12.59 20.08 6.11
CA PHE C 123 -12.90 19.55 7.43
C PHE C 123 -12.60 20.58 8.52
N ASN C 124 -11.42 21.21 8.44
CA ASN C 124 -11.05 22.22 9.43
C ASN C 124 -11.94 23.45 9.31
N LEU C 125 -12.36 23.77 8.07
CA LEU C 125 -13.27 24.89 7.88
C LEU C 125 -14.60 24.64 8.58
N ALA C 126 -15.11 23.41 8.51
CA ALA C 126 -16.33 23.08 9.24
C ALA C 126 -16.10 23.17 10.74
N VAL C 127 -14.89 22.85 11.20
CA VAL C 127 -14.57 22.93 12.62
C VAL C 127 -14.69 24.37 13.10
N ALA C 128 -14.15 25.32 12.32
CA ALA C 128 -14.21 26.72 12.69
C ALA C 128 -15.66 27.20 12.78
N ASP C 129 -16.50 26.76 11.85
CA ASP C 129 -17.91 27.13 11.89
C ASP C 129 -18.62 26.49 13.08
N PHE C 130 -18.13 25.33 13.53
CA PHE C 130 -18.77 24.65 14.65
C PHE C 130 -18.68 25.49 15.93
N LEU C 131 -17.49 26.04 16.21
CA LEU C 131 -17.35 26.90 17.39
C LEU C 131 -18.10 28.21 17.21
N LEU C 132 -18.14 28.75 15.99
CA LEU C 132 -18.89 29.98 15.76
C LEU C 132 -20.38 29.79 16.00
N ILE C 133 -20.91 28.63 15.61
CA ILE C 133 -22.31 28.33 15.91
C ILE C 133 -22.55 28.23 17.40
N ILE C 134 -21.57 27.72 18.15
CA ILE C 134 -21.69 27.67 19.60
C ILE C 134 -21.73 29.07 20.19
N CYS C 135 -21.05 30.02 19.54
CA CYS C 135 -20.98 31.38 20.04
C CYS C 135 -22.36 32.03 20.09
N LEU C 136 -23.19 31.81 19.07
CA LEU C 136 -24.42 32.56 18.90
C LEU C 136 -25.37 32.50 20.09
N PRO C 137 -25.70 31.33 20.67
CA PRO C 137 -26.58 31.35 21.85
C PRO C 137 -26.00 32.15 23.01
N PHE C 138 -24.70 32.07 23.25
CA PHE C 138 -24.09 32.88 24.30
C PHE C 138 -24.16 34.36 23.97
N LEU C 139 -23.88 34.72 22.72
CA LEU C 139 -23.99 36.12 22.31
C LEU C 139 -25.43 36.59 22.33
N MET C 140 -26.37 35.73 21.92
CA MET C 140 -27.77 36.11 21.87
C MET C 140 -28.28 36.47 23.26
N ASP C 141 -27.78 35.80 24.30
CA ASP C 141 -28.15 36.14 25.66
C ASP C 141 -27.71 37.56 26.02
N ASN C 142 -26.54 37.97 25.51
CA ASN C 142 -26.06 39.33 25.76
C ASN C 142 -26.99 40.36 25.15
N TYR C 143 -27.42 40.14 23.90
CA TYR C 143 -28.34 41.07 23.26
C TYR C 143 -29.69 41.10 23.95
N VAL C 144 -30.21 39.92 24.31
CA VAL C 144 -31.53 39.85 24.93
C VAL C 144 -31.58 40.48 26.31
N ARG C 145 -30.45 40.53 27.02
CA ARG C 145 -30.38 41.11 28.34
C ARG C 145 -30.04 42.59 28.32
N ARG C 146 -30.30 43.27 27.21
CA ARG C 146 -29.99 44.70 27.06
C ARG C 146 -28.53 44.99 27.36
N TRP C 147 -27.64 44.13 26.84
CA TRP C 147 -26.19 44.28 27.01
C TRP C 147 -25.80 44.29 28.49
N ASP C 148 -26.43 43.42 29.28
CA ASP C 148 -26.08 43.23 30.68
C ASP C 148 -25.42 41.86 30.81
N TRP C 149 -24.09 41.86 30.89
CA TRP C 149 -23.33 40.63 30.99
C TRP C 149 -23.20 40.21 32.45
N LYS C 150 -23.55 38.96 32.74
CA LYS C 150 -23.46 38.44 34.10
C LYS C 150 -22.53 37.23 34.22
N PHE C 151 -21.96 36.76 33.12
CA PHE C 151 -21.12 35.56 33.17
C PHE C 151 -19.82 35.81 33.93
N GLY C 152 -19.12 36.89 33.60
CA GLY C 152 -17.94 37.27 34.35
C GLY C 152 -16.78 37.59 33.44
N ASP C 153 -15.58 37.58 34.04
CA ASP C 153 -14.36 37.95 33.33
C ASP C 153 -13.94 36.88 32.33
N ILE C 154 -13.65 35.68 32.83
CA ILE C 154 -13.17 34.60 31.96
C ILE C 154 -14.17 34.27 30.85
N PRO C 155 -15.48 34.10 31.12
CA PRO C 155 -16.38 33.78 30.01
C PRO C 155 -16.39 34.82 28.91
N CYS C 156 -16.52 36.11 29.26
CA CYS C 156 -16.56 37.16 28.25
C CYS C 156 -15.25 37.21 27.47
N ARG C 157 -14.12 37.20 28.19
CA ARG C 157 -12.83 37.30 27.53
C ARG C 157 -12.60 36.14 26.57
N LEU C 158 -12.79 34.91 27.05
CA LEU C 158 -12.58 33.74 26.21
C LEU C 158 -13.55 33.73 25.04
N MET C 159 -14.81 34.10 25.28
CA MET C 159 -15.81 34.08 24.21
C MET C 159 -15.42 35.04 23.09
N LEU C 160 -15.04 36.28 23.44
CA LEU C 160 -14.62 37.22 22.41
C LEU C 160 -13.37 36.73 21.69
N PHE C 161 -12.39 36.23 22.43
CA PHE C 161 -11.15 35.79 21.81
C PHE C 161 -11.40 34.68 20.79
N MET C 162 -12.09 33.62 21.21
CA MET C 162 -12.30 32.50 20.30
C MET C 162 -13.34 32.79 19.23
N LEU C 163 -14.25 33.76 19.43
CA LEU C 163 -15.12 34.17 18.34
C LEU C 163 -14.33 34.90 17.25
N ALA C 164 -13.46 35.82 17.65
CA ALA C 164 -12.59 36.46 16.67
C ALA C 164 -11.71 35.45 15.97
N MET C 165 -11.20 34.47 16.72
CA MET C 165 -10.38 33.43 16.11
C MET C 165 -11.18 32.60 15.12
N ASN C 166 -12.44 32.29 15.43
CA ASN C 166 -13.27 31.53 14.50
C ASN C 166 -13.52 32.32 13.22
N ARG C 167 -13.88 33.59 13.32
CA ARG C 167 -14.05 34.31 12.03
C ARG C 167 -12.70 34.25 11.29
N GLN C 168 -11.63 34.71 11.92
CA GLN C 168 -10.37 34.77 11.19
C GLN C 168 -10.06 33.43 10.53
N GLY C 169 -10.28 32.33 11.25
CA GLY C 169 -10.02 31.02 10.68
C GLY C 169 -10.94 30.69 9.51
N SER C 170 -12.21 31.07 9.61
CA SER C 170 -13.14 30.84 8.51
C SER C 170 -12.69 31.61 7.27
N ILE C 171 -12.32 32.88 7.43
CA ILE C 171 -11.89 33.66 6.28
C ILE C 171 -10.61 33.08 5.68
N ILE C 172 -9.64 32.73 6.54
CA ILE C 172 -8.37 32.25 6.02
C ILE C 172 -8.54 30.88 5.38
N PHE C 173 -9.48 30.07 5.85
CA PHE C 173 -9.70 28.77 5.22
C PHE C 173 -10.49 28.89 3.92
N LEU C 174 -11.39 29.87 3.80
CA LEU C 174 -11.94 30.19 2.49
C LEU C 174 -10.83 30.56 1.52
N THR C 175 -9.87 31.38 1.98
CA THR C 175 -8.74 31.74 1.14
C THR C 175 -7.93 30.51 0.74
N VAL C 176 -7.66 29.62 1.70
CA VAL C 176 -6.88 28.42 1.42
C VAL C 176 -7.59 27.52 0.42
N VAL C 177 -8.90 27.35 0.59
CA VAL C 177 -9.67 26.51 -0.34
C VAL C 177 -9.62 27.11 -1.75
N ALA C 178 -9.80 28.42 -1.87
CA ALA C 178 -9.75 29.05 -3.18
C ALA C 178 -8.38 28.91 -3.82
N VAL C 179 -7.32 29.07 -3.02
CA VAL C 179 -5.97 28.91 -3.55
C VAL C 179 -5.73 27.48 -4.02
N ASP C 180 -6.24 26.51 -3.25
CA ASP C 180 -6.12 25.11 -3.64
C ASP C 180 -6.84 24.86 -4.97
N ARG C 181 -8.04 25.43 -5.13
CA ARG C 181 -8.77 25.27 -6.39
C ARG C 181 -8.01 25.91 -7.54
N TYR C 182 -7.42 27.09 -7.31
CA TYR C 182 -6.66 27.75 -8.37
C TYR C 182 -5.46 26.92 -8.78
N PHE C 183 -4.76 26.34 -7.82
CA PHE C 183 -3.65 25.45 -8.16
C PHE C 183 -4.10 24.15 -8.80
N ARG C 184 -5.33 23.70 -8.52
CA ARG C 184 -5.79 22.44 -9.09
C ARG C 184 -6.54 22.58 -10.40
N VAL C 185 -6.82 23.80 -10.86
CA VAL C 185 -7.54 23.98 -12.12
C VAL C 185 -6.66 24.71 -13.13
N VAL C 186 -5.76 25.56 -12.64
CA VAL C 186 -4.94 26.37 -13.54
C VAL C 186 -3.56 25.75 -13.71
N HIS C 187 -3.05 25.13 -12.65
CA HIS C 187 -1.73 24.49 -12.66
C HIS C 187 -1.87 23.03 -12.24
N PRO C 188 -2.53 22.20 -13.05
CA PRO C 188 -2.80 20.82 -12.63
C PRO C 188 -1.54 20.00 -12.38
N HIS C 189 -0.44 20.29 -13.07
CA HIS C 189 0.77 19.50 -12.96
C HIS C 189 1.74 20.04 -11.90
N HIS C 190 1.37 21.08 -11.18
CA HIS C 190 2.23 21.58 -10.12
C HIS C 190 2.31 20.58 -8.98
N ALA C 191 3.45 20.59 -8.28
CA ALA C 191 3.69 19.62 -7.22
C ALA C 191 2.77 19.79 -6.03
N LEU C 192 2.25 21.01 -5.79
CA LEU C 192 1.46 21.26 -4.61
C LEU C 192 0.15 20.46 -4.61
N ASN C 193 -0.38 20.12 -5.78
CA ASN C 193 -1.56 19.27 -5.85
C ASN C 193 -1.31 17.85 -5.36
N LYS C 194 -0.05 17.45 -5.21
CA LYS C 194 0.29 16.08 -4.81
C LYS C 194 0.86 16.02 -3.40
N ILE C 195 0.60 17.02 -2.56
CA ILE C 195 1.11 17.02 -1.20
C ILE C 195 0.40 15.93 -0.40
N SER C 196 1.16 15.25 0.45
CA SER C 196 0.61 14.17 1.26
C SER C 196 -0.28 14.75 2.37
N ASN C 197 -1.06 13.85 3.00
CA ASN C 197 -1.92 14.28 4.08
C ASN C 197 -1.14 14.82 5.27
N ARG C 198 0.08 14.32 5.48
CA ARG C 198 0.92 14.84 6.55
C ARG C 198 1.31 16.28 6.28
N THR C 199 1.64 16.61 5.03
CA THR C 199 1.96 17.98 4.67
C THR C 199 0.74 18.88 4.84
N ALA C 200 -0.44 18.37 4.46
CA ALA C 200 -1.66 19.16 4.64
C ALA C 200 -1.97 19.39 6.11
N ALA C 201 -1.76 18.37 6.94
CA ALA C 201 -2.10 18.49 8.35
C ALA C 201 -1.27 19.54 9.06
N ILE C 202 0.04 19.57 8.78
CA ILE C 202 0.90 20.57 9.43
C ILE C 202 0.58 21.96 8.92
N ILE C 203 0.21 22.09 7.65
CA ILE C 203 -0.18 23.38 7.11
C ILE C 203 -1.46 23.87 7.78
N SER C 204 -2.47 22.99 7.90
CA SER C 204 -3.72 23.38 8.53
C SER C 204 -3.50 23.79 9.97
N CYS C 205 -2.65 23.06 10.70
CA CYS C 205 -2.31 23.44 12.06
C CYS C 205 -1.60 24.79 12.11
N LEU C 206 -0.69 25.04 11.17
CA LEU C 206 0.01 26.32 11.13
C LEU C 206 -0.95 27.48 10.92
N LEU C 207 -1.90 27.32 9.99
CA LEU C 207 -2.91 28.35 9.79
C LEU C 207 -3.78 28.51 11.04
N TRP C 208 -4.03 27.43 11.76
CA TRP C 208 -4.71 27.53 13.05
C TRP C 208 -3.88 28.31 14.05
N GLY C 209 -2.57 28.10 14.04
CA GLY C 209 -1.70 28.77 15.01
C GLY C 209 -1.66 30.28 14.83
N ILE C 210 -1.55 30.74 13.58
CA ILE C 210 -1.44 32.17 13.34
C ILE C 210 -2.73 32.88 13.70
N THR C 211 -3.87 32.19 13.56
CA THR C 211 -5.14 32.77 13.99
C THR C 211 -5.16 32.96 15.50
N ILE C 212 -4.59 32.01 16.26
CA ILE C 212 -4.51 32.15 17.70
C ILE C 212 -3.66 33.36 18.07
N GLY C 213 -2.51 33.52 17.42
CA GLY C 213 -1.65 34.65 17.73
C GLY C 213 -2.27 35.99 17.34
N LEU C 214 -3.01 36.02 16.23
CA LEU C 214 -3.58 37.26 15.75
C LEU C 214 -4.71 37.78 16.62
N THR C 215 -5.26 36.95 17.51
CA THR C 215 -6.35 37.37 18.38
C THR C 215 -6.06 37.16 19.86
N VAL C 216 -4.82 36.83 20.22
CA VAL C 216 -4.47 36.55 21.61
C VAL C 216 -4.62 37.79 22.49
N HIS C 217 -4.50 38.99 21.91
CA HIS C 217 -4.58 40.21 22.69
C HIS C 217 -5.98 40.46 23.26
N LEU C 218 -7.01 39.80 22.71
CA LEU C 218 -8.35 39.94 23.26
C LEU C 218 -8.49 39.25 24.62
N LEU C 219 -7.62 38.28 24.92
CA LEU C 219 -7.67 37.58 26.20
C LEU C 219 -7.13 38.43 27.35
N LYS C 220 -6.23 39.37 27.07
CA LYS C 220 -5.62 40.19 28.11
C LYS C 220 -6.40 41.47 28.39
N LYS C 221 -7.48 41.73 27.67
CA LYS C 221 -8.26 42.94 27.89
C LYS C 221 -8.98 42.89 29.23
N LYS C 222 -9.24 44.07 29.79
CA LYS C 222 -9.96 44.19 31.06
C LYS C 222 -11.45 44.39 30.78
N MET C 223 -12.25 43.38 31.11
CA MET C 223 -13.69 43.42 30.90
C MET C 223 -14.33 42.41 31.84
N PRO C 224 -15.59 42.63 32.25
CA PRO C 224 -16.47 43.75 31.89
C PRO C 224 -16.20 45.01 32.68
N ILE C 225 -16.79 46.12 32.25
CA ILE C 225 -16.66 47.41 32.92
C ILE C 225 -18.01 47.77 33.53
N GLN C 226 -18.01 48.03 34.83
CA GLN C 226 -19.24 48.36 35.55
C GLN C 226 -19.69 49.75 35.14
N ASN C 227 -20.50 49.76 34.08
CA ASN C 227 -20.98 51.06 33.52
C ASN C 227 -22.48 51.09 33.75
N GLY C 228 -22.96 51.89 34.70
CA GLY C 228 -24.41 51.85 35.00
C GLY C 228 -24.83 50.49 35.55
N GLY C 229 -26.07 50.06 35.29
CA GLY C 229 -26.59 48.80 35.88
C GLY C 229 -26.32 47.58 35.02
N ALA C 230 -25.54 47.72 33.96
CA ALA C 230 -25.20 46.65 33.03
C ALA C 230 -23.68 46.59 32.86
N ASN C 231 -23.20 45.40 32.53
CA ASN C 231 -21.79 45.15 32.30
C ASN C 231 -21.56 44.91 30.81
N LEU C 232 -20.59 45.59 30.24
CA LEU C 232 -20.31 45.49 28.81
C LEU C 232 -19.42 44.29 28.54
N CYS C 233 -19.80 43.50 27.52
CA CYS C 233 -19.00 42.39 27.02
C CYS C 233 -18.62 42.66 25.57
N SER C 234 -18.36 43.94 25.28
CA SER C 234 -18.11 44.36 23.88
C SER C 234 -16.68 44.78 23.63
N SER C 235 -16.11 44.26 22.55
CA SER C 235 -14.77 44.63 22.13
C SER C 235 -14.75 45.58 20.94
N PHE C 236 -15.85 45.65 20.19
CA PHE C 236 -15.96 46.57 19.05
C PHE C 236 -16.52 47.92 19.47
N SER C 237 -15.88 48.55 20.46
CA SER C 237 -16.32 49.83 20.97
C SER C 237 -16.08 50.93 19.94
N ILE C 238 -17.06 51.82 19.81
CA ILE C 238 -17.01 52.89 18.81
C ILE C 238 -16.31 54.11 19.41
N CYS C 239 -15.03 54.29 19.06
CA CYS C 239 -14.28 55.46 19.50
C CYS C 239 -13.00 55.55 18.68
N HIS C 240 -12.26 56.64 18.92
CA HIS C 240 -11.05 56.91 18.15
C HIS C 240 -9.91 55.98 18.54
N THR C 241 -10.05 55.28 19.67
CA THR C 241 -9.03 54.35 20.11
C THR C 241 -8.79 53.28 19.06
N PHE C 242 -7.62 53.32 18.42
CA PHE C 242 -7.33 52.41 17.28
C PHE C 242 -6.51 51.20 17.73
N GLN C 243 -7.15 50.23 18.36
CA GLN C 243 -6.48 48.99 18.76
C GLN C 243 -6.14 48.16 17.53
N TRP C 244 -5.25 47.18 17.74
CA TRP C 244 -4.84 46.30 16.65
C TRP C 244 -6.00 45.44 16.15
N HIS C 245 -7.04 45.25 16.96
CA HIS C 245 -8.18 44.44 16.55
C HIS C 245 -8.85 45.01 15.32
N GLU C 246 -9.00 46.33 15.26
CA GLU C 246 -9.54 46.97 14.07
C GLU C 246 -8.67 46.72 12.85
N ALA C 247 -7.34 46.77 13.04
CA ALA C 247 -6.43 46.51 11.92
C ALA C 247 -6.59 45.09 11.39
N MET C 248 -6.68 44.12 12.30
CA MET C 248 -6.91 42.74 11.85
C MET C 248 -8.26 42.60 11.15
N PHE C 249 -9.31 43.20 11.73
CA PHE C 249 -10.64 43.12 11.12
C PHE C 249 -10.68 43.77 9.75
N LEU C 250 -9.81 44.75 9.49
CA LEU C 250 -9.78 45.39 8.20
C LEU C 250 -8.96 44.58 7.18
N LEU C 251 -7.79 44.12 7.60
CA LEU C 251 -6.92 43.38 6.66
C LEU C 251 -7.64 42.08 6.29
N GLU C 252 -8.17 41.37 7.28
CA GLU C 252 -8.77 40.06 7.05
C GLU C 252 -9.92 40.13 6.06
N PHE C 253 -10.43 41.32 5.77
CA PHE C 253 -11.37 41.45 4.66
C PHE C 253 -10.67 41.93 3.39
N PHE C 254 -9.75 42.90 3.51
CA PHE C 254 -9.16 43.48 2.31
C PHE C 254 -8.31 42.48 1.54
N LEU C 255 -7.39 41.80 2.21
CA LEU C 255 -6.48 40.92 1.48
C LEU C 255 -7.16 39.61 1.06
N PRO C 256 -7.83 38.87 1.94
CA PRO C 256 -8.49 37.64 1.48
C PRO C 256 -9.52 37.86 0.38
N LEU C 257 -10.24 39.00 0.38
CA LEU C 257 -11.18 39.26 -0.70
C LEU C 257 -10.44 39.35 -2.03
N GLY C 258 -9.31 40.06 -2.06
CA GLY C 258 -8.52 40.11 -3.28
C GLY C 258 -8.03 38.76 -3.71
N ILE C 259 -7.58 37.94 -2.76
CA ILE C 259 -7.10 36.60 -3.09
C ILE C 259 -8.22 35.77 -3.69
N ILE C 260 -9.40 35.81 -3.06
CA ILE C 260 -10.54 35.02 -3.54
C ILE C 260 -10.92 35.46 -4.95
N LEU C 261 -11.02 36.77 -5.17
CA LEU C 261 -11.42 37.26 -6.49
C LEU C 261 -10.38 36.90 -7.55
N PHE C 262 -9.09 37.05 -7.24
CA PHE C 262 -8.06 36.72 -8.21
C PHE C 262 -8.08 35.24 -8.56
N CYS C 263 -8.18 34.38 -7.55
CA CYS C 263 -8.22 32.94 -7.80
C CYS C 263 -9.45 32.55 -8.61
N SER C 264 -10.61 33.10 -8.26
CA SER C 264 -11.83 32.77 -8.99
C SER C 264 -11.75 33.25 -10.44
N ALA C 265 -11.26 34.47 -10.66
CA ALA C 265 -11.15 34.98 -12.01
C ALA C 265 -10.19 34.15 -12.85
N ARG C 266 -9.05 33.77 -12.26
CA ARG C 266 -8.11 32.94 -13.00
C ARG C 266 -8.69 31.58 -13.31
N ILE C 267 -9.44 30.99 -12.37
CA ILE C 267 -10.05 29.68 -12.62
C ILE C 267 -11.06 29.79 -13.77
N ILE C 268 -11.89 30.84 -13.74
CA ILE C 268 -12.89 31.01 -14.80
C ILE C 268 -12.20 31.19 -16.15
N TRP C 269 -11.16 32.02 -16.19
CA TRP C 269 -10.46 32.27 -17.44
C TRP C 269 -9.79 31.01 -17.96
N SER C 270 -9.19 30.23 -17.07
CA SER C 270 -8.51 29.01 -17.48
C SER C 270 -9.50 27.97 -17.99
N LEU C 271 -10.66 27.86 -17.35
CA LEU C 271 -11.66 26.91 -17.82
C LEU C 271 -12.28 27.37 -19.13
N ARG C 272 -12.39 28.68 -19.35
CA ARG C 272 -12.95 29.17 -20.60
C ARG C 272 -11.96 29.01 -21.75
N GLN C 273 -10.67 29.23 -21.48
CA GLN C 273 -9.66 29.17 -22.54
C GLN C 273 -9.49 27.75 -23.07
N ARG C 274 -9.65 26.74 -22.23
CA ARG C 274 -9.50 25.36 -22.65
C ARG C 274 -10.61 24.90 -23.59
N GLN C 275 -11.66 25.71 -23.75
CA GLN C 275 -12.80 25.42 -24.61
C GLN C 275 -13.59 24.20 -24.14
N MET C 276 -13.47 23.83 -22.86
CA MET C 276 -14.19 22.70 -22.31
C MET C 276 -15.30 23.16 -21.35
N ASP C 277 -15.78 24.38 -21.52
CA ASP C 277 -16.89 24.89 -20.72
C ASP C 277 -18.25 24.54 -21.31
N ARG C 278 -18.28 23.82 -22.44
CA ARG C 278 -19.56 23.48 -23.06
C ARG C 278 -20.34 22.47 -22.22
N HIS C 279 -19.67 21.71 -21.36
CA HIS C 279 -20.37 20.73 -20.54
C HIS C 279 -21.23 21.41 -19.49
N LYS C 281 -21.86 20.17 -16.53
CA LYS C 281 -21.18 20.04 -15.25
C LYS C 281 -20.15 21.15 -15.05
N ILE C 282 -19.43 21.50 -16.11
CA ILE C 282 -18.47 22.60 -16.01
C ILE C 282 -19.19 23.92 -15.77
N LYS C 283 -20.38 24.09 -16.38
CA LYS C 283 -21.16 25.30 -16.12
C LYS C 283 -21.60 25.37 -14.65
N ARG C 284 -22.02 24.23 -14.09
CA ARG C 284 -22.36 24.19 -12.67
C ARG C 284 -21.13 24.52 -11.82
N ALA C 285 -19.97 24.01 -12.21
CA ALA C 285 -18.73 24.35 -11.52
C ALA C 285 -18.46 25.85 -11.55
N ILE C 286 -18.65 26.47 -12.71
CA ILE C 286 -18.45 27.91 -12.86
C ILE C 286 -19.40 28.66 -11.94
N THR C 287 -20.67 28.25 -11.92
CA THR C 287 -21.66 28.93 -11.09
C THR C 287 -21.31 28.82 -9.61
N PHE C 288 -20.90 27.62 -9.16
CA PHE C 288 -20.53 27.47 -7.76
C PHE C 288 -19.30 28.30 -7.40
N ILE C 289 -18.29 28.29 -8.27
CA ILE C 289 -17.08 29.06 -8.00
C ILE C 289 -17.40 30.55 -7.92
N MET C 290 -18.32 31.02 -8.75
CA MET C 290 -18.71 32.43 -8.69
C MET C 290 -19.51 32.73 -7.42
N VAL C 291 -20.47 31.86 -7.07
CA VAL C 291 -21.34 32.16 -5.94
C VAL C 291 -20.61 32.06 -4.62
N VAL C 292 -19.50 31.30 -4.54
CA VAL C 292 -18.69 31.34 -3.32
C VAL C 292 -18.18 32.75 -3.06
N ALA C 293 -17.57 33.36 -4.08
CA ALA C 293 -17.11 34.73 -3.93
C ALA C 293 -18.27 35.69 -3.70
N ILE C 294 -19.40 35.43 -4.36
CA ILE C 294 -20.56 36.31 -4.21
C ILE C 294 -21.07 36.30 -2.78
N VAL C 295 -21.21 35.11 -2.19
CA VAL C 295 -21.71 35.02 -0.82
C VAL C 295 -20.69 35.61 0.16
N PHE C 296 -19.41 35.37 -0.10
CA PHE C 296 -18.37 35.98 0.74
C PHE C 296 -18.49 37.50 0.74
N VAL C 297 -18.58 38.10 -0.44
CA VAL C 297 -18.58 39.56 -0.52
C VAL C 297 -19.88 40.14 0.05
N ILE C 298 -21.02 39.50 -0.22
CA ILE C 298 -22.26 40.05 0.32
C ILE C 298 -22.30 39.90 1.83
N CYS C 299 -21.64 38.86 2.37
CA CYS C 299 -21.63 38.68 3.82
C CYS C 299 -20.68 39.65 4.51
N PHE C 300 -19.57 40.00 3.87
CA PHE C 300 -18.55 40.79 4.57
C PHE C 300 -18.51 42.26 4.19
N LEU C 301 -19.14 42.67 3.08
CA LEU C 301 -19.11 44.08 2.69
C LEU C 301 -19.83 45.00 3.68
N PRO C 302 -21.04 44.70 4.17
CA PRO C 302 -21.71 45.66 5.06
C PRO C 302 -20.92 45.99 6.32
N SER C 303 -20.35 44.98 6.97
CA SER C 303 -19.60 45.23 8.20
C SER C 303 -18.40 46.12 7.95
N VAL C 304 -17.64 45.84 6.88
CA VAL C 304 -16.43 46.61 6.63
C VAL C 304 -16.79 48.04 6.19
N VAL C 305 -17.85 48.21 5.41
CA VAL C 305 -18.20 49.56 4.99
C VAL C 305 -18.70 50.38 6.17
N VAL C 306 -19.48 49.77 7.06
CA VAL C 306 -19.91 50.49 8.25
C VAL C 306 -18.73 50.82 9.15
N ARG C 307 -17.75 49.91 9.26
CA ARG C 307 -16.57 50.20 10.07
C ARG C 307 -15.74 51.33 9.46
N ILE C 308 -15.63 51.37 8.14
CA ILE C 308 -14.94 52.48 7.49
C ILE C 308 -15.69 53.78 7.73
N ARG C 309 -17.02 53.73 7.71
CA ARG C 309 -17.80 54.92 8.06
C ARG C 309 -17.52 55.36 9.49
N ILE C 310 -17.41 54.40 10.41
CA ILE C 310 -17.08 54.72 11.80
C ILE C 310 -15.72 55.41 11.89
N PHE C 311 -14.72 54.87 11.19
CA PHE C 311 -13.40 55.49 11.21
C PHE C 311 -13.43 56.90 10.63
N TRP C 312 -14.15 57.09 9.52
CA TRP C 312 -14.24 58.41 8.92
C TRP C 312 -14.92 59.40 9.84
N LEU C 313 -16.00 58.98 10.49
CA LEU C 313 -16.72 59.86 11.42
C LEU C 313 -15.84 60.21 12.62
N LEU C 314 -15.13 59.23 13.16
CA LEU C 314 -14.27 59.47 14.32
C LEU C 314 -13.13 60.42 13.96
N HIS C 315 -12.55 60.27 12.76
CA HIS C 315 -11.47 61.15 12.36
C HIS C 315 -11.96 62.56 12.09
N THR C 316 -13.11 62.69 11.40
CA THR C 316 -13.58 64.01 10.99
C THR C 316 -14.15 64.79 12.17
N SER C 317 -14.94 64.13 13.03
CA SER C 317 -15.67 64.83 14.08
C SER C 317 -15.12 64.59 15.48
N GLY C 318 -14.49 63.44 15.67
CA GLY C 318 -13.99 63.08 17.00
C GLY C 318 -15.11 62.65 17.92
N THR C 319 -14.81 62.52 19.21
CA THR C 319 -15.80 62.10 20.20
C THR C 319 -16.41 63.28 20.94
N GLN C 320 -16.27 64.55 20.52
CA GLN C 320 -16.87 65.69 21.19
C GLN C 320 -18.37 65.50 21.38
N ASN C 321 -19.07 65.00 20.37
CA ASN C 321 -20.49 64.75 20.44
C ASN C 321 -20.78 63.32 20.04
N CYS C 322 -21.52 62.61 20.89
CA CYS C 322 -21.89 61.22 20.62
C CYS C 322 -23.32 61.07 20.13
N GLU C 323 -24.00 62.17 19.81
CA GLU C 323 -25.36 62.07 19.30
C GLU C 323 -25.41 61.40 17.94
N VAL C 324 -24.42 61.66 17.08
CA VAL C 324 -24.39 61.10 15.74
C VAL C 324 -23.85 59.68 15.72
N TYR C 325 -23.26 59.22 16.83
CA TYR C 325 -22.65 57.88 16.82
C TYR C 325 -23.69 56.84 17.26
N ARG C 326 -24.91 57.25 17.59
CA ARG C 326 -25.97 56.30 17.95
C ARG C 326 -26.53 55.58 16.73
N SER C 327 -26.76 56.32 15.64
CA SER C 327 -27.32 55.71 14.44
C SER C 327 -26.36 54.71 13.81
N VAL C 328 -25.08 55.07 13.74
CA VAL C 328 -24.09 54.18 13.11
C VAL C 328 -23.82 52.96 13.97
N ASP C 329 -23.89 53.11 15.30
CA ASP C 329 -23.58 52.00 16.20
C ASP C 329 -24.56 50.86 16.00
N LEU C 330 -25.85 51.16 15.89
CA LEU C 330 -26.84 50.10 15.69
C LEU C 330 -26.68 49.45 14.33
N ALA C 331 -26.31 50.25 13.31
CA ALA C 331 -26.10 49.69 11.98
C ALA C 331 -24.92 48.73 11.95
N PHE C 332 -23.91 48.99 12.79
CA PHE C 332 -22.74 48.12 12.82
C PHE C 332 -23.11 46.70 13.23
N PHE C 333 -23.86 46.57 14.32
CA PHE C 333 -24.09 45.17 14.80
C PHE C 333 -24.99 44.43 13.83
N ILE C 334 -26.09 45.04 13.38
CA ILE C 334 -26.98 44.28 12.51
C ILE C 334 -26.24 43.75 11.29
N THR C 335 -25.36 44.57 10.72
CA THR C 335 -24.53 44.13 9.61
C THR C 335 -23.42 43.19 10.05
N LEU C 336 -22.98 43.28 11.31
CA LEU C 336 -22.02 42.32 11.84
C LEU C 336 -22.64 40.93 11.95
N SER C 337 -23.97 40.85 12.10
CA SER C 337 -24.62 39.56 12.14
C SER C 337 -24.44 38.79 10.83
N PHE C 338 -24.17 39.51 9.74
CA PHE C 338 -23.90 38.85 8.46
C PHE C 338 -22.62 38.02 8.49
N THR C 339 -21.68 38.34 9.38
CA THR C 339 -20.49 37.52 9.50
C THR C 339 -20.82 36.12 10.00
N TYR C 340 -21.79 36.00 10.88
CA TYR C 340 -22.23 34.66 11.33
C TYR C 340 -22.95 34.01 10.14
N MET C 341 -23.70 34.81 9.37
CA MET C 341 -24.44 34.28 8.24
C MET C 341 -23.51 33.58 7.27
N ASN C 342 -22.22 33.93 7.30
CA ASN C 342 -21.24 33.20 6.51
C ASN C 342 -21.19 31.73 6.92
N SER C 343 -21.22 31.47 8.23
CA SER C 343 -21.25 30.10 8.71
C SER C 343 -22.55 29.39 8.33
N MET C 344 -23.64 30.14 8.15
CA MET C 344 -24.90 29.52 7.75
C MET C 344 -24.89 29.11 6.28
N LEU C 345 -24.19 29.84 5.42
CA LEU C 345 -24.12 29.53 4.00
C LEU C 345 -22.92 28.66 3.64
N ASP C 346 -22.08 28.31 4.61
CA ASP C 346 -20.97 27.41 4.33
C ASP C 346 -21.39 25.99 3.98
N PRO C 347 -22.49 25.43 4.49
CA PRO C 347 -22.93 24.11 4.01
C PRO C 347 -23.23 24.09 2.51
N VAL C 348 -23.44 25.23 1.88
CA VAL C 348 -23.59 25.27 0.43
C VAL C 348 -22.31 24.76 -0.24
N VAL C 349 -21.15 25.09 0.32
CA VAL C 349 -19.89 24.54 -0.17
C VAL C 349 -19.87 23.02 0.00
N TYR C 350 -20.62 22.49 0.96
CA TYR C 350 -20.68 21.06 1.20
C TYR C 350 -21.84 20.41 0.45
N TYR C 351 -23.06 20.86 0.72
CA TYR C 351 -24.25 20.17 0.22
C TYR C 351 -24.52 20.49 -1.24
N PHE C 352 -24.55 21.78 -1.58
CA PHE C 352 -24.89 22.17 -2.95
C PHE C 352 -23.86 21.65 -3.95
N SER C 353 -22.58 21.74 -3.61
CA SER C 353 -21.55 21.21 -4.48
C SER C 353 -21.43 19.70 -4.29
N SER C 354 -20.86 19.04 -5.31
CA SER C 354 -20.63 17.60 -5.39
C SER C 354 -21.94 16.82 -5.48
N PRO C 355 -21.96 15.71 -6.21
CA PRO C 355 -23.17 14.89 -6.27
C PRO C 355 -23.26 13.93 -5.10
N SER C 356 -22.13 13.76 -4.39
CA SER C 356 -22.11 12.84 -3.27
C SER C 356 -22.98 13.32 -2.11
N PHE C 357 -22.99 14.63 -1.87
CA PHE C 357 -23.79 15.17 -0.76
C PHE C 357 -25.28 14.95 -0.93
N PRO C 358 -25.92 15.21 -2.08
CA PRO C 358 -27.34 14.86 -2.21
C PRO C 358 -27.61 13.38 -2.02
N ASN C 359 -26.71 12.51 -2.51
CA ASN C 359 -26.90 11.08 -2.35
C ASN C 359 -26.84 10.69 -0.87
N SER D 8 -10.51 -32.21 -35.46
CA SER D 8 -11.68 -32.27 -34.59
C SER D 8 -11.96 -33.71 -34.16
N ILE D 9 -11.78 -34.65 -35.09
CA ILE D 9 -12.01 -36.05 -34.76
C ILE D 9 -11.03 -36.53 -33.70
N ALA D 10 -9.76 -36.15 -33.82
CA ALA D 10 -8.77 -36.52 -32.81
C ALA D 10 -9.07 -35.86 -31.48
N GLN D 11 -9.47 -34.58 -31.50
CA GLN D 11 -9.77 -33.88 -30.27
C GLN D 11 -10.97 -34.50 -29.56
N ALA D 12 -12.00 -34.88 -30.32
CA ALA D 12 -13.16 -35.53 -29.72
C ALA D 12 -12.80 -36.88 -29.13
N ARG D 13 -11.92 -37.63 -29.80
CA ARG D 13 -11.50 -38.93 -29.29
C ARG D 13 -10.79 -38.81 -27.96
N LYS D 14 -9.94 -37.79 -27.81
CA LYS D 14 -9.21 -37.60 -26.57
C LYS D 14 -10.16 -37.33 -25.41
N LEU D 15 -11.18 -36.50 -25.62
CA LEU D 15 -12.15 -36.23 -24.57
C LEU D 15 -12.92 -37.47 -24.19
N VAL D 16 -13.30 -38.29 -25.18
CA VAL D 16 -14.04 -39.52 -24.90
C VAL D 16 -13.20 -40.47 -24.05
N GLU D 17 -11.93 -40.63 -24.40
CA GLU D 17 -11.06 -41.50 -23.61
C GLU D 17 -10.85 -40.96 -22.21
N GLN D 18 -10.69 -39.64 -22.08
CA GLN D 18 -10.47 -39.04 -20.77
C GLN D 18 -11.67 -39.26 -19.86
N LEU D 19 -12.89 -39.09 -20.39
CA LEU D 19 -14.08 -39.33 -19.59
C LEU D 19 -14.19 -40.81 -19.20
N LYS D 20 -13.80 -41.71 -20.10
CA LYS D 20 -13.83 -43.13 -19.79
C LYS D 20 -12.83 -43.47 -18.69
N MET D 21 -11.66 -42.83 -18.71
CA MET D 21 -10.65 -43.09 -17.68
C MET D 21 -11.15 -42.67 -16.30
N GLU D 22 -11.81 -41.52 -16.21
CA GLU D 22 -12.36 -41.07 -14.94
C GLU D 22 -13.52 -41.93 -14.45
N ALA D 23 -14.19 -42.64 -15.37
CA ALA D 23 -15.33 -43.47 -14.98
C ALA D 23 -14.93 -44.73 -14.22
N ASN D 24 -13.67 -45.12 -14.29
CA ASN D 24 -13.19 -46.32 -13.60
C ASN D 24 -12.73 -46.03 -12.18
N ILE D 25 -12.76 -44.78 -11.74
CA ILE D 25 -12.31 -44.45 -10.40
C ILE D 25 -13.35 -44.91 -9.39
N ASP D 26 -12.90 -45.65 -8.38
CA ASP D 26 -13.81 -46.14 -7.35
C ASP D 26 -14.31 -44.98 -6.50
N ARG D 27 -15.58 -45.07 -6.10
CA ARG D 27 -16.21 -44.05 -5.27
C ARG D 27 -16.72 -44.67 -3.99
N ILE D 28 -16.55 -43.96 -2.88
CA ILE D 28 -17.02 -44.43 -1.58
C ILE D 28 -18.27 -43.66 -1.22
N LYS D 29 -18.95 -44.11 -0.17
CA LYS D 29 -20.18 -43.47 0.28
C LYS D 29 -19.88 -42.08 0.83
N VAL D 30 -20.82 -41.16 0.59
CA VAL D 30 -20.66 -39.80 1.08
C VAL D 30 -20.66 -39.75 2.59
N SER D 31 -21.46 -40.61 3.24
CA SER D 31 -21.50 -40.63 4.70
C SER D 31 -20.13 -40.97 5.28
N LYS D 32 -19.42 -41.91 4.66
CA LYS D 32 -18.09 -42.27 5.13
C LYS D 32 -17.14 -41.08 5.03
N ALA D 33 -17.18 -40.35 3.91
CA ALA D 33 -16.30 -39.19 3.76
C ALA D 33 -16.64 -38.10 4.77
N ALA D 34 -17.94 -37.85 4.99
CA ALA D 34 -18.33 -36.85 5.96
C ALA D 34 -17.90 -37.25 7.37
N ALA D 35 -18.05 -38.53 7.72
CA ALA D 35 -17.60 -39.00 9.03
C ALA D 35 -16.09 -38.87 9.17
N ASP D 36 -15.35 -39.16 8.12
CA ASP D 36 -13.89 -39.02 8.17
C ASP D 36 -13.50 -37.56 8.37
N LEU D 37 -14.16 -36.64 7.65
CA LEU D 37 -13.88 -35.22 7.83
C LEU D 37 -14.21 -34.78 9.25
N MET D 38 -15.34 -35.24 9.79
CA MET D 38 -15.72 -34.89 11.16
C MET D 38 -14.69 -35.42 12.15
N ALA D 39 -14.21 -36.65 11.96
CA ALA D 39 -13.21 -37.21 12.85
C ALA D 39 -11.91 -36.42 12.77
N TYR D 40 -11.51 -36.03 11.57
CA TYR D 40 -10.29 -35.22 11.45
C TYR D 40 -10.45 -33.87 12.12
N CYS D 41 -11.60 -33.22 11.94
CA CYS D 41 -11.83 -31.93 12.58
C CYS D 41 -11.86 -32.03 14.09
N GLU D 42 -12.46 -33.10 14.64
CA GLU D 42 -12.54 -33.24 16.08
C GLU D 42 -11.20 -33.65 16.69
N ALA D 43 -10.43 -34.50 16.01
CA ALA D 43 -9.14 -34.95 16.54
C ALA D 43 -8.09 -33.85 16.53
N HIS D 44 -8.32 -32.75 15.80
CA HIS D 44 -7.38 -31.64 15.76
C HIS D 44 -8.00 -30.35 16.28
N ALA D 45 -9.12 -30.45 17.00
CA ALA D 45 -9.77 -29.26 17.53
C ALA D 45 -8.89 -28.55 18.55
N LYS D 46 -8.19 -29.32 19.38
CA LYS D 46 -7.31 -28.75 20.40
C LYS D 46 -6.05 -28.12 19.82
N GLU D 47 -5.72 -28.41 18.57
CA GLU D 47 -4.52 -27.87 17.93
C GLU D 47 -4.81 -26.72 16.98
N ASP D 48 -6.02 -26.17 17.02
CA ASP D 48 -6.40 -25.07 16.15
C ASP D 48 -6.44 -23.78 16.94
N PRO D 49 -5.46 -22.89 16.78
CA PRO D 49 -5.44 -21.63 17.54
C PRO D 49 -6.28 -20.51 16.96
N LEU D 50 -7.19 -20.80 16.03
CA LEU D 50 -8.09 -19.79 15.48
C LEU D 50 -9.49 -19.88 16.06
N LEU D 51 -10.06 -21.09 16.15
CA LEU D 51 -11.41 -21.24 16.69
C LEU D 51 -11.44 -21.07 18.21
N THR D 52 -10.37 -21.47 18.90
CA THR D 52 -10.22 -21.15 20.31
C THR D 52 -9.30 -19.95 20.45
N PRO D 53 -9.75 -18.84 21.03
CA PRO D 53 -8.86 -17.68 21.16
C PRO D 53 -7.65 -17.98 22.04
N VAL D 54 -6.48 -17.98 21.43
CA VAL D 54 -5.25 -18.38 22.11
C VAL D 54 -4.91 -17.35 23.18
N PRO D 55 -4.48 -17.76 24.37
CA PRO D 55 -4.08 -16.77 25.39
C PRO D 55 -2.86 -15.98 24.96
N ALA D 56 -2.79 -14.75 25.44
CA ALA D 56 -1.70 -13.85 25.08
C ALA D 56 -0.36 -14.23 25.70
N SER D 57 -0.35 -15.20 26.62
CA SER D 57 0.90 -15.59 27.27
C SER D 57 1.91 -16.11 26.26
N GLU D 58 1.48 -16.97 25.35
CA GLU D 58 2.38 -17.55 24.35
C GLU D 58 1.98 -17.24 22.91
N ASN D 59 0.93 -16.45 22.70
CA ASN D 59 0.57 -16.01 21.36
C ASN D 59 1.56 -14.93 20.90
N PRO D 60 2.27 -15.14 19.78
CA PRO D 60 3.30 -14.16 19.40
C PRO D 60 2.77 -12.88 18.79
N PHE D 61 1.51 -12.84 18.37
CA PHE D 61 0.92 -11.64 17.80
C PHE D 61 0.19 -10.83 18.87
N ARG D 62 0.97 -10.35 19.84
CA ARG D 62 0.42 -9.56 20.93
C ARG D 62 0.93 -8.13 20.90
N ASP E 1 35.53 -14.20 -6.87
CA ASP E 1 34.36 -14.12 -6.01
C ASP E 1 34.51 -13.01 -4.97
N VAL E 2 33.99 -13.27 -3.77
CA VAL E 2 34.02 -12.28 -2.71
C VAL E 2 35.44 -12.14 -2.18
N GLN E 3 35.93 -10.90 -2.13
CA GLN E 3 37.24 -10.61 -1.58
C GLN E 3 37.18 -9.28 -0.84
N LEU E 4 37.86 -9.23 0.31
CA LEU E 4 38.05 -7.99 1.06
C LEU E 4 39.56 -7.82 1.26
N VAL E 5 40.22 -7.23 0.27
CA VAL E 5 41.65 -6.98 0.32
C VAL E 5 41.86 -5.59 0.90
N GLU E 6 43.04 -5.36 1.47
CA GLU E 6 43.30 -4.09 2.14
C GLU E 6 44.80 -3.87 2.24
N SER E 7 45.16 -2.63 2.54
CA SER E 7 46.55 -2.23 2.68
C SER E 7 46.61 -0.99 3.57
N GLY E 8 47.83 -0.56 3.89
CA GLY E 8 48.02 0.61 4.71
C GLY E 8 48.75 0.35 6.01
N GLY E 9 49.63 -0.66 6.01
CA GLY E 9 50.38 -1.00 7.20
C GLY E 9 51.71 -0.27 7.29
N GLY E 10 52.76 -0.99 7.67
CA GLY E 10 54.08 -0.41 7.77
C GLY E 10 54.38 0.10 9.17
N LEU E 11 55.67 0.33 9.43
CA LEU E 11 56.12 0.83 10.72
C LEU E 11 55.66 2.27 10.92
N VAL E 12 55.11 2.55 12.10
CA VAL E 12 54.64 3.88 12.46
C VAL E 12 55.27 4.27 13.79
N GLN E 13 55.88 5.45 13.83
CA GLN E 13 56.41 5.95 15.08
C GLN E 13 55.27 6.32 16.03
N PRO E 14 55.46 6.15 17.34
CA PRO E 14 54.40 6.51 18.29
C PRO E 14 54.04 7.99 18.19
N GLY E 15 52.76 8.27 18.38
CA GLY E 15 52.25 9.62 18.26
C GLY E 15 51.93 10.06 16.85
N GLY E 16 52.16 9.22 15.85
CA GLY E 16 51.88 9.56 14.47
C GLY E 16 50.44 9.26 14.08
N SER E 17 50.24 9.08 12.78
CA SER E 17 48.93 8.76 12.23
C SER E 17 49.10 7.88 11.01
N ARG E 18 48.07 7.09 10.71
CA ARG E 18 48.09 6.20 9.56
C ARG E 18 46.65 5.87 9.17
N LYS E 19 46.40 5.80 7.87
CA LYS E 19 45.09 5.47 7.33
C LYS E 19 45.08 4.03 6.87
N LEU E 20 44.09 3.27 7.33
CA LEU E 20 43.88 1.89 6.92
C LEU E 20 42.62 1.84 6.06
N SER E 21 42.76 1.31 4.84
CA SER E 21 41.68 1.30 3.86
C SER E 21 41.30 -0.14 3.54
N CYS E 22 40.00 -0.42 3.54
CA CYS E 22 39.45 -1.74 3.23
C CYS E 22 38.85 -1.68 1.84
N SER E 23 39.46 -2.39 0.90
CA SER E 23 38.98 -2.44 -0.48
C SER E 23 38.03 -3.62 -0.64
N ALA E 24 36.77 -3.33 -0.95
CA ALA E 24 35.73 -4.33 -1.04
C ALA E 24 35.28 -4.47 -2.49
N SER E 25 35.17 -5.71 -2.96
CA SER E 25 34.72 -5.99 -4.31
C SER E 25 34.10 -7.37 -4.36
N GLY E 26 33.05 -7.51 -5.16
CA GLY E 26 32.39 -8.79 -5.36
C GLY E 26 31.10 -8.99 -4.59
N PHE E 27 30.62 -7.98 -3.87
CA PHE E 27 29.35 -8.09 -3.17
C PHE E 27 28.71 -6.71 -3.06
N ALA E 28 27.45 -6.69 -2.64
CA ALA E 28 26.70 -5.45 -2.48
C ALA E 28 27.18 -4.74 -1.22
N PHE E 29 28.28 -4.00 -1.37
CA PHE E 29 28.89 -3.31 -0.26
C PHE E 29 28.00 -2.21 0.32
N SER E 30 27.04 -1.71 -0.46
CA SER E 30 26.18 -0.64 0.02
C SER E 30 25.22 -1.10 1.10
N SER E 31 25.02 -2.41 1.27
CA SER E 31 24.07 -2.94 2.23
C SER E 31 24.73 -3.82 3.29
N PHE E 32 26.03 -3.66 3.50
CA PHE E 32 26.77 -4.45 4.47
C PHE E 32 27.38 -3.53 5.51
N GLY E 33 27.23 -3.89 6.79
CA GLY E 33 27.85 -3.13 7.85
C GLY E 33 29.20 -3.69 8.23
N MET E 34 30.27 -3.11 7.68
CA MET E 34 31.60 -3.66 7.85
C MET E 34 32.17 -3.30 9.21
N HIS E 35 32.77 -4.28 9.86
CA HIS E 35 33.40 -4.11 11.17
C HIS E 35 34.89 -3.89 11.00
N TRP E 36 35.61 -3.89 12.12
CA TRP E 36 37.07 -3.84 12.14
C TRP E 36 37.52 -4.61 13.38
N VAL E 37 38.28 -5.69 13.17
CA VAL E 37 38.75 -6.53 14.26
C VAL E 37 40.26 -6.62 14.17
N ARG E 38 40.94 -6.39 15.29
CA ARG E 38 42.40 -6.43 15.35
C ARG E 38 42.85 -7.64 16.16
N GLN E 39 44.06 -8.10 15.88
CA GLN E 39 44.65 -9.25 16.56
C GLN E 39 46.07 -8.92 16.98
N ALA E 40 46.33 -8.94 18.28
CA ALA E 40 47.68 -8.77 18.78
C ALA E 40 48.56 -9.94 18.36
N PRO E 41 49.88 -9.74 18.29
CA PRO E 41 50.75 -10.83 17.81
C PRO E 41 50.62 -12.11 18.61
N GLU E 42 50.35 -12.04 19.91
CA GLU E 42 50.23 -13.24 20.73
C GLU E 42 49.02 -13.18 21.64
N LYS E 43 47.90 -12.63 21.16
CA LYS E 43 46.68 -12.54 21.94
C LYS E 43 45.49 -12.81 21.01
N GLY E 44 44.29 -12.82 21.60
CA GLY E 44 43.09 -13.07 20.85
C GLY E 44 42.57 -11.84 20.13
N LEU E 45 41.55 -12.06 19.31
CA LEU E 45 40.93 -10.95 18.58
C LEU E 45 40.27 -9.98 19.53
N GLU E 46 40.36 -8.69 19.21
CA GLU E 46 39.72 -7.64 19.98
C GLU E 46 38.97 -6.72 19.03
N TRP E 47 37.77 -6.32 19.44
CA TRP E 47 36.93 -5.46 18.59
C TRP E 47 37.48 -4.04 18.56
N VAL E 48 37.28 -3.38 17.42
CA VAL E 48 37.83 -2.04 17.23
C VAL E 48 36.72 -1.03 16.90
N ALA E 49 36.01 -1.26 15.79
CA ALA E 49 35.03 -0.29 15.33
C ALA E 49 33.99 -1.00 14.48
N TYR E 50 32.95 -0.24 14.11
CA TYR E 50 31.85 -0.77 13.31
C TYR E 50 31.10 0.39 12.69
N ILE E 51 30.80 0.27 11.40
CA ILE E 51 30.04 1.26 10.66
C ILE E 51 28.91 0.56 9.94
N SER E 52 27.69 1.08 10.06
CA SER E 52 26.50 0.40 9.58
C SER E 52 26.25 0.72 8.12
N SER E 53 25.12 0.25 7.59
CA SER E 53 24.73 0.53 6.22
C SER E 53 24.15 1.94 6.13
N GLY E 54 24.75 2.77 5.29
CA GLY E 54 24.36 4.17 5.23
C GLY E 54 24.98 5.03 6.29
N SER E 55 25.92 4.50 7.07
CA SER E 55 26.60 5.24 8.14
C SER E 55 25.62 5.78 9.17
N GLY E 56 24.56 5.03 9.44
CA GLY E 56 23.58 5.48 10.43
C GLY E 56 24.15 5.57 11.83
N THR E 57 24.87 4.52 12.25
CA THR E 57 25.48 4.47 13.57
C THR E 57 26.90 3.95 13.46
N ILE E 58 27.79 4.52 14.27
CA ILE E 58 29.19 4.11 14.33
C ILE E 58 29.54 3.86 15.79
N TYR E 59 30.14 2.72 16.08
CA TYR E 59 30.51 2.35 17.43
C TYR E 59 32.03 2.13 17.50
N TYR E 60 32.60 2.43 18.65
CA TYR E 60 34.02 2.24 18.89
C TYR E 60 34.22 1.52 20.22
N ALA E 61 35.37 0.86 20.35
CA ALA E 61 35.70 0.15 21.57
C ALA E 61 35.96 1.16 22.69
N ASP E 62 36.03 0.64 23.92
CA ASP E 62 36.26 1.50 25.08
C ASP E 62 37.64 2.16 25.00
N THR E 63 38.66 1.42 24.58
CA THR E 63 40.02 1.91 24.51
C THR E 63 40.37 2.50 23.16
N VAL E 64 39.38 2.81 22.33
CA VAL E 64 39.61 3.27 20.97
C VAL E 64 38.84 4.57 20.73
N LYS E 65 37.80 4.79 21.51
CA LYS E 65 36.89 5.90 21.27
C LYS E 65 37.64 7.23 21.26
N GLY E 66 37.37 8.05 20.26
CA GLY E 66 38.02 9.34 20.08
C GLY E 66 39.33 9.31 19.32
N ARG E 67 40.18 8.33 19.63
CA ARG E 67 41.48 8.25 18.97
C ARG E 67 41.34 7.84 17.51
N PHE E 68 40.45 6.90 17.21
CA PHE E 68 40.26 6.41 15.85
C PHE E 68 38.98 6.98 15.24
N THR E 69 38.81 6.70 13.95
CA THR E 69 37.63 7.15 13.21
C THR E 69 37.43 6.26 12.00
N ILE E 70 36.23 5.70 11.86
CA ILE E 70 35.90 4.77 10.78
C ILE E 70 34.87 5.41 9.88
N SER E 71 35.13 5.39 8.58
CA SER E 71 34.21 5.93 7.59
C SER E 71 34.29 5.06 6.33
N ARG E 72 33.25 5.15 5.51
CA ARG E 72 33.14 4.26 4.35
C ARG E 72 32.97 5.03 3.04
N LYS E 76 32.25 4.15 -3.36
CA LYS E 76 33.25 3.58 -4.26
C LYS E 76 33.72 2.22 -3.75
N ASN E 77 32.94 1.62 -2.85
CA ASN E 77 33.21 0.30 -2.29
C ASN E 77 34.58 0.27 -1.60
N THR E 78 34.70 1.08 -0.55
CA THR E 78 35.92 1.13 0.24
C THR E 78 35.60 1.63 1.64
N LEU E 79 36.21 1.02 2.64
CA LEU E 79 36.06 1.43 4.04
C LEU E 79 37.40 1.98 4.55
N PHE E 80 37.32 3.11 5.26
CA PHE E 80 38.50 3.80 5.76
C PHE E 80 38.46 3.86 7.29
N LEU E 81 39.61 3.64 7.91
CA LEU E 81 39.76 3.77 9.36
C LEU E 81 40.90 4.74 9.64
N GLN E 82 40.59 5.83 10.34
CA GLN E 82 41.58 6.82 10.73
C GLN E 82 42.22 6.40 12.04
N MET E 83 43.55 6.50 12.12
CA MET E 83 44.28 6.26 13.35
C MET E 83 45.06 7.52 13.73
N THR E 84 44.81 8.00 14.95
CA THR E 84 45.50 9.15 15.49
C THR E 84 45.96 8.84 16.91
N SER E 85 47.12 9.38 17.27
CA SER E 85 47.70 9.18 18.60
C SER E 85 47.86 7.70 18.93
N LEU E 86 48.66 7.02 18.10
CA LEU E 86 48.89 5.60 18.29
C LEU E 86 49.71 5.35 19.55
N ARG E 87 49.37 4.28 20.25
CA ARG E 87 50.05 3.87 21.47
C ARG E 87 50.93 2.66 21.18
N SER E 88 51.53 2.12 22.24
CA SER E 88 52.36 0.93 22.09
C SER E 88 51.55 -0.35 21.94
N GLU E 89 50.29 -0.33 22.35
CA GLU E 89 49.42 -1.50 22.30
C GLU E 89 48.64 -1.62 21.00
N ASP E 90 48.83 -0.69 20.07
CA ASP E 90 48.13 -0.74 18.78
C ASP E 90 48.84 -1.62 17.76
N THR E 91 49.99 -2.18 18.10
CA THR E 91 50.68 -3.11 17.20
C THR E 91 49.85 -4.39 17.09
N ALA E 92 49.25 -4.60 15.91
CA ALA E 92 48.35 -5.72 15.71
C ALA E 92 48.07 -5.84 14.22
N MET E 93 47.44 -6.94 13.84
CA MET E 93 46.94 -7.16 12.49
C MET E 93 45.45 -6.85 12.49
N TYR E 94 45.02 -5.97 11.59
CA TYR E 94 43.65 -5.49 11.55
C TYR E 94 42.90 -6.24 10.45
N TYR E 95 41.72 -6.77 10.79
CA TYR E 95 40.89 -7.50 9.86
C TYR E 95 39.64 -6.70 9.53
N CYS E 96 39.24 -6.75 8.25
CA CYS E 96 38.02 -6.11 7.78
C CYS E 96 36.93 -7.17 7.71
N VAL E 97 35.89 -7.00 8.51
CA VAL E 97 34.85 -8.02 8.66
C VAL E 97 33.52 -7.45 8.21
N ARG E 98 32.86 -8.15 7.30
CA ARG E 98 31.55 -7.76 6.83
C ARG E 98 30.46 -8.42 7.67
N SER E 99 29.29 -7.77 7.70
CA SER E 99 28.16 -8.30 8.47
C SER E 99 26.86 -7.65 8.03
N ILE E 100 25.86 -8.45 7.71
CA ILE E 100 24.56 -7.97 7.28
C ILE E 100 23.52 -8.44 8.29
N TYR E 101 22.59 -7.57 8.62
CA TYR E 101 21.67 -7.79 9.74
C TYR E 101 20.23 -7.80 9.26
N TYR E 102 19.60 -8.96 9.28
CA TYR E 102 18.15 -9.11 9.17
C TYR E 102 17.79 -10.45 9.78
N TYR E 103 16.52 -10.80 9.71
CA TYR E 103 16.07 -12.08 10.26
C TYR E 103 16.66 -13.22 9.43
N GLY E 104 17.39 -14.11 10.09
CA GLY E 104 18.02 -15.21 9.39
C GLY E 104 19.33 -14.88 8.73
N SER E 105 19.89 -13.71 8.98
CA SER E 105 21.15 -13.31 8.36
C SER E 105 22.32 -14.05 9.00
N SER E 106 23.51 -13.80 8.44
CA SER E 106 24.74 -14.46 8.87
C SER E 106 25.80 -13.40 9.13
N PRO E 107 25.76 -12.74 10.30
CA PRO E 107 26.76 -11.72 10.60
C PRO E 107 28.15 -12.31 10.70
N PHE E 108 29.14 -11.48 10.35
CA PHE E 108 30.55 -11.85 10.44
C PHE E 108 30.87 -13.08 9.59
N ASP E 109 30.22 -13.18 8.44
CA ASP E 109 30.39 -14.37 7.61
C ASP E 109 31.74 -14.39 6.91
N PHE E 110 32.24 -13.24 6.47
CA PHE E 110 33.48 -13.16 5.73
C PHE E 110 34.46 -12.23 6.43
N TRP E 111 35.74 -12.60 6.40
CA TRP E 111 36.79 -11.84 7.03
C TRP E 111 37.88 -11.54 6.01
N GLY E 112 38.35 -10.29 6.01
CA GLY E 112 39.36 -9.88 5.06
C GLY E 112 40.70 -10.52 5.33
N GLN E 113 41.62 -10.34 4.38
CA GLN E 113 42.94 -10.95 4.50
C GLN E 113 43.71 -10.36 5.68
N GLY E 114 43.66 -9.05 5.85
CA GLY E 114 44.30 -8.42 6.98
C GLY E 114 45.70 -7.94 6.67
N THR E 115 46.07 -6.81 7.29
CA THR E 115 47.40 -6.25 7.17
C THR E 115 48.00 -6.04 8.55
N THR E 116 49.26 -6.38 8.70
CA THR E 116 49.95 -6.20 9.98
C THR E 116 50.42 -4.76 10.10
N LEU E 117 50.28 -4.20 11.29
CA LEU E 117 50.73 -2.84 11.59
C LEU E 117 51.46 -2.84 12.92
N THR E 118 52.67 -2.28 12.94
CA THR E 118 53.51 -2.31 14.12
C THR E 118 53.99 -0.90 14.44
N VAL E 119 54.25 -0.68 15.73
CA VAL E 119 54.76 0.60 16.23
C VAL E 119 55.94 0.33 17.14
N SER E 120 56.77 1.35 17.31
CA SER E 120 57.96 1.24 18.16
C SER E 120 57.85 2.15 19.38
N GLY E 135 34.07 -1.53 32.34
CA GLY E 135 33.91 -2.59 33.33
C GLY E 135 32.58 -3.30 33.23
N SER E 136 31.60 -2.64 32.63
CA SER E 136 30.27 -3.21 32.44
C SER E 136 30.14 -4.01 31.14
N ASP E 137 31.22 -4.13 30.38
CA ASP E 137 31.18 -4.93 29.16
C ASP E 137 30.99 -6.40 29.49
N ILE E 138 30.40 -7.13 28.54
CA ILE E 138 30.17 -8.56 28.73
C ILE E 138 31.50 -9.28 28.59
N VAL E 139 32.12 -9.61 29.72
CA VAL E 139 33.40 -10.31 29.70
C VAL E 139 33.14 -11.81 29.59
N MET E 140 33.86 -12.45 28.68
CA MET E 140 33.65 -13.87 28.38
C MET E 140 34.99 -14.60 28.45
N THR E 141 35.00 -15.72 29.15
CA THR E 141 36.22 -16.49 29.39
C THR E 141 36.03 -17.92 28.91
N GLN E 142 37.09 -18.48 28.36
CA GLN E 142 37.12 -19.89 27.97
C GLN E 142 37.93 -20.65 29.02
N ALA E 143 37.34 -21.71 29.58
CA ALA E 143 37.98 -22.43 30.67
C ALA E 143 39.29 -23.06 30.24
N THR E 144 39.33 -23.64 29.05
CA THR E 144 40.54 -24.28 28.53
C THR E 144 41.18 -23.40 27.47
N SER E 145 42.51 -23.46 27.40
CA SER E 145 43.28 -22.74 26.40
C SER E 145 43.94 -23.62 25.36
N SER E 146 44.27 -24.87 25.72
CA SER E 146 44.87 -25.81 24.78
C SER E 146 44.29 -27.19 25.02
N VAL E 147 43.84 -27.83 23.94
CA VAL E 147 43.30 -29.19 24.00
C VAL E 147 43.98 -30.05 22.95
N PRO E 148 44.98 -30.85 23.33
CA PRO E 148 45.63 -31.73 22.34
C PRO E 148 44.79 -32.95 22.03
N VAL E 149 44.34 -33.05 20.79
CA VAL E 149 43.50 -34.15 20.34
C VAL E 149 44.12 -34.77 19.09
N THR E 150 43.72 -36.01 18.83
CA THR E 150 44.20 -36.78 17.68
C THR E 150 43.14 -36.82 16.58
N PRO E 151 43.56 -36.88 15.31
CA PRO E 151 42.58 -36.94 14.22
C PRO E 151 41.72 -38.19 14.31
N GLY E 152 40.46 -38.05 13.92
CA GLY E 152 39.49 -39.12 13.99
C GLY E 152 38.75 -39.21 15.30
N GLU E 153 39.14 -38.45 16.31
CA GLU E 153 38.47 -38.45 17.60
C GLU E 153 37.42 -37.34 17.63
N SER E 154 36.88 -37.06 18.81
CA SER E 154 35.92 -35.99 18.99
C SER E 154 36.40 -35.06 20.10
N VAL E 155 36.24 -33.76 19.89
CA VAL E 155 36.69 -32.75 20.84
C VAL E 155 35.55 -31.80 21.14
N SER E 156 35.63 -31.14 22.29
CA SER E 156 34.61 -30.21 22.72
C SER E 156 35.29 -29.01 23.38
N ILE E 157 34.97 -27.81 22.88
CA ILE E 157 35.50 -26.57 23.41
C ILE E 157 34.38 -25.85 24.15
N SER E 158 34.65 -25.41 25.37
CA SER E 158 33.65 -24.77 26.22
C SER E 158 33.86 -23.28 26.25
N CYS E 159 32.76 -22.55 26.47
CA CYS E 159 32.79 -21.10 26.54
C CYS E 159 31.74 -20.64 27.54
N ARG E 160 32.09 -19.67 28.38
CA ARG E 160 31.19 -19.12 29.38
C ARG E 160 31.03 -17.63 29.16
N SER E 161 30.21 -17.00 30.00
CA SER E 161 29.99 -15.56 29.95
C SER E 161 29.60 -15.07 31.34
N SER E 162 29.89 -13.79 31.59
CA SER E 162 29.50 -13.20 32.86
C SER E 162 27.99 -12.99 32.94
N LYS E 163 27.37 -12.61 31.83
CA LYS E 163 25.94 -12.34 31.78
C LYS E 163 25.28 -13.28 30.77
N SER E 164 24.06 -13.71 31.08
CA SER E 164 23.33 -14.61 30.20
C SER E 164 23.04 -13.93 28.87
N LEU E 165 23.27 -14.65 27.78
CA LEU E 165 23.11 -14.12 26.43
C LEU E 165 21.77 -14.47 25.79
N LEU E 166 20.94 -15.24 26.46
CA LEU E 166 19.63 -15.61 25.92
C LEU E 166 18.69 -14.42 26.05
N HIS E 167 18.41 -13.78 24.93
CA HIS E 167 17.54 -12.60 24.94
C HIS E 167 16.08 -13.00 25.08
N SER E 168 15.21 -12.00 25.16
CA SER E 168 13.79 -12.25 25.35
C SER E 168 13.18 -12.96 24.15
N ASN E 169 13.58 -12.57 22.94
CA ASN E 169 13.00 -13.12 21.72
C ASN E 169 13.51 -14.51 21.38
N GLY E 170 14.22 -15.17 22.30
CA GLY E 170 14.64 -16.53 22.13
C GLY E 170 16.01 -16.71 21.49
N ASN E 171 16.55 -15.67 20.87
CA ASN E 171 17.86 -15.78 20.22
C ASN E 171 18.96 -15.65 21.27
N THR E 172 19.93 -16.56 21.21
CA THR E 172 21.15 -16.47 22.00
C THR E 172 22.30 -16.16 21.05
N TYR E 173 23.11 -15.16 21.42
CA TYR E 173 24.13 -14.62 20.53
C TYR E 173 25.50 -15.11 20.99
N LEU E 174 25.96 -16.21 20.41
CA LEU E 174 27.29 -16.75 20.68
C LEU E 174 27.86 -17.24 19.36
N TYR E 175 28.62 -16.38 18.69
CA TYR E 175 29.23 -16.72 17.42
C TYR E 175 30.54 -17.44 17.67
N TRP E 176 30.79 -18.50 16.89
CA TRP E 176 32.01 -19.29 16.98
C TRP E 176 32.85 -19.07 15.72
N PHE E 177 34.14 -18.85 15.90
CA PHE E 177 35.06 -18.61 14.79
C PHE E 177 36.22 -19.58 14.87
N LEU E 178 36.64 -20.07 13.71
CA LEU E 178 37.79 -20.95 13.58
C LEU E 178 38.88 -20.21 12.82
N GLN E 179 40.07 -20.13 13.41
CA GLN E 179 41.21 -19.44 12.80
C GLN E 179 42.30 -20.46 12.53
N ARG E 180 42.37 -20.93 11.29
CA ARG E 180 43.46 -21.82 10.90
C ARG E 180 44.77 -21.03 10.88
N PRO E 181 45.89 -21.70 11.17
CA PRO E 181 47.18 -20.98 11.23
C PRO E 181 47.51 -20.32 9.89
N GLY E 182 47.84 -19.03 9.94
CA GLY E 182 48.17 -18.28 8.75
C GLY E 182 46.99 -17.89 7.90
N GLN E 183 45.76 -18.05 8.38
CA GLN E 183 44.56 -17.74 7.63
C GLN E 183 43.60 -16.95 8.50
N SER E 184 42.86 -16.03 7.87
CA SER E 184 41.89 -15.23 8.59
C SER E 184 40.77 -16.11 9.14
N PRO E 185 40.18 -15.73 10.27
CA PRO E 185 39.13 -16.57 10.86
C PRO E 185 37.92 -16.68 9.96
N GLN E 186 37.23 -17.81 10.06
CA GLN E 186 36.01 -18.08 9.30
C GLN E 186 34.88 -18.41 10.26
N LEU E 187 33.68 -17.93 9.95
CA LEU E 187 32.53 -18.18 10.80
C LEU E 187 32.15 -19.66 10.75
N LEU E 188 31.87 -20.24 11.92
CA LEU E 188 31.52 -21.65 12.02
C LEU E 188 30.12 -21.86 12.56
N ILE E 189 29.79 -21.27 13.71
CA ILE E 189 28.47 -21.37 14.31
C ILE E 189 28.02 -19.96 14.67
N TYR E 190 26.84 -19.58 14.20
CA TYR E 190 26.31 -18.25 14.48
C TYR E 190 25.00 -18.38 15.23
N ARG E 191 24.84 -17.53 16.26
CA ARG E 191 23.72 -17.57 17.19
C ARG E 191 23.67 -18.88 17.97
N MET E 192 24.83 -19.53 18.13
CA MET E 192 25.04 -20.61 19.08
C MET E 192 24.29 -21.89 18.74
N SER E 193 23.44 -21.85 17.75
CA SER E 193 22.75 -23.07 17.33
C SER E 193 22.83 -23.30 15.82
N ASN E 194 22.76 -22.25 15.03
CA ASN E 194 22.77 -22.40 13.57
C ASN E 194 24.18 -22.69 13.08
N LEU E 195 24.27 -23.15 11.84
CA LEU E 195 25.53 -23.51 11.20
C LEU E 195 25.76 -22.59 10.01
N ALA E 196 26.96 -22.02 9.93
CA ALA E 196 27.30 -21.13 8.83
C ALA E 196 27.36 -21.89 7.52
N SER E 197 27.02 -21.20 6.44
CA SER E 197 27.07 -21.80 5.11
C SER E 197 28.52 -22.13 4.73
N GLY E 198 28.69 -23.28 4.08
CA GLY E 198 30.01 -23.72 3.67
C GLY E 198 30.79 -24.47 4.74
N VAL E 199 30.20 -24.70 5.91
CA VAL E 199 30.88 -25.40 7.00
C VAL E 199 30.41 -26.85 7.01
N PRO E 200 31.32 -27.81 7.15
CA PRO E 200 30.90 -29.22 7.22
C PRO E 200 30.00 -29.47 8.42
N ASP E 201 29.10 -30.45 8.28
CA ASP E 201 28.11 -30.73 9.29
C ASP E 201 28.69 -31.37 10.55
N ARG E 202 30.01 -31.60 10.59
CA ARG E 202 30.60 -32.19 11.79
C ARG E 202 30.43 -31.28 13.00
N PHE E 203 30.61 -29.97 12.80
CA PHE E 203 30.47 -29.03 13.91
C PHE E 203 29.01 -28.90 14.33
N SER E 204 28.82 -28.62 15.62
CA SER E 204 27.48 -28.44 16.16
C SER E 204 27.57 -27.67 17.46
N GLY E 205 26.77 -26.61 17.60
CA GLY E 205 26.74 -25.85 18.82
C GLY E 205 25.62 -26.29 19.74
N SER E 206 25.74 -25.89 21.00
CA SER E 206 24.76 -26.26 22.02
C SER E 206 24.85 -25.25 23.16
N GLY E 207 24.26 -25.58 24.30
CA GLY E 207 24.28 -24.72 25.46
C GLY E 207 23.13 -23.73 25.49
N SER E 208 22.89 -23.17 26.67
CA SER E 208 21.79 -22.23 26.85
C SER E 208 22.11 -21.32 28.01
N GLY E 209 21.83 -20.02 27.83
CA GLY E 209 21.97 -19.05 28.90
C GLY E 209 23.37 -18.53 29.12
N THR E 210 24.21 -19.34 29.77
CA THR E 210 25.56 -18.93 30.12
C THR E 210 26.64 -19.84 29.58
N ALA E 211 26.45 -21.15 29.62
CA ALA E 211 27.46 -22.11 29.20
C ALA E 211 27.22 -22.50 27.75
N PHE E 212 28.27 -22.41 26.94
CA PHE E 212 28.22 -22.77 25.53
C PHE E 212 29.24 -23.86 25.25
N THR E 213 29.02 -24.59 24.16
CA THR E 213 29.87 -25.71 23.82
C THR E 213 29.81 -25.96 22.32
N LEU E 214 30.98 -26.03 21.68
CA LEU E 214 31.09 -26.34 20.26
C LEU E 214 31.60 -27.76 20.13
N THR E 215 30.72 -28.70 19.81
CA THR E 215 31.05 -30.11 19.72
C THR E 215 31.45 -30.46 18.30
N ILE E 216 32.62 -31.08 18.15
CA ILE E 216 33.13 -31.54 16.87
C ILE E 216 33.17 -33.05 16.88
N SER E 217 32.52 -33.68 15.91
CA SER E 217 32.44 -35.12 15.81
C SER E 217 33.29 -35.60 14.64
N ARG E 218 34.06 -36.67 14.88
CA ARG E 218 34.95 -37.24 13.88
C ARG E 218 35.91 -36.18 13.34
N LEU E 219 36.69 -35.62 14.25
CA LEU E 219 37.59 -34.51 13.92
C LEU E 219 38.60 -34.91 12.86
N GLU E 220 38.78 -34.05 11.88
CA GLU E 220 39.67 -34.30 10.74
C GLU E 220 40.96 -33.52 10.93
N ALA E 221 41.94 -33.79 10.06
CA ALA E 221 43.21 -33.09 10.12
C ALA E 221 43.09 -31.62 9.73
N GLU E 222 41.99 -31.23 9.10
CA GLU E 222 41.79 -29.86 8.65
C GLU E 222 41.03 -29.01 9.66
N ASP E 223 40.67 -29.56 10.82
CA ASP E 223 39.91 -28.83 11.82
C ASP E 223 40.78 -28.30 12.96
N VAL E 224 42.10 -28.31 12.79
CA VAL E 224 43.00 -27.80 13.82
C VAL E 224 43.15 -26.31 13.66
N GLY E 225 43.33 -25.62 14.78
CA GLY E 225 43.46 -24.17 14.78
C GLY E 225 43.09 -23.60 16.13
N VAL E 226 42.60 -22.36 16.11
CA VAL E 226 42.17 -21.65 17.31
C VAL E 226 40.69 -21.32 17.16
N TYR E 227 39.90 -21.65 18.18
CA TYR E 227 38.47 -21.40 18.19
C TYR E 227 38.16 -20.26 19.13
N TYR E 228 37.47 -19.24 18.63
CA TYR E 228 37.18 -18.03 19.38
C TYR E 228 35.68 -17.95 19.66
N CYS E 229 35.33 -17.54 20.87
CA CYS E 229 33.96 -17.40 21.30
C CYS E 229 33.59 -15.92 21.37
N MET E 230 32.45 -15.56 20.79
CA MET E 230 32.06 -14.17 20.65
C MET E 230 30.61 -14.00 21.06
N GLN E 231 30.25 -12.77 21.42
CA GLN E 231 28.87 -12.40 21.68
C GLN E 231 28.49 -11.19 20.85
N HIS E 232 27.18 -11.01 20.66
CA HIS E 232 26.66 -9.87 19.91
C HIS E 232 25.48 -9.21 20.61
N LEU E 233 25.33 -9.45 21.91
CA LEU E 233 24.18 -8.92 22.64
C LEU E 233 24.20 -7.41 22.69
N GLU E 234 25.36 -6.80 22.95
CA GLU E 234 25.45 -5.36 23.01
C GLU E 234 26.90 -4.93 22.80
N TYR E 235 27.08 -3.86 22.05
CA TYR E 235 28.42 -3.31 21.84
C TYR E 235 28.95 -2.71 23.14
N PRO E 236 30.26 -2.80 23.38
CA PRO E 236 31.27 -3.41 22.51
C PRO E 236 31.26 -4.94 22.56
N LEU E 237 31.52 -5.56 21.42
CA LEU E 237 31.54 -7.01 21.32
C LEU E 237 32.88 -7.54 21.81
N THR E 238 32.83 -8.49 22.73
CA THR E 238 34.03 -9.01 23.38
C THR E 238 34.27 -10.45 22.93
N PHE E 239 35.42 -10.69 22.33
CA PHE E 239 35.81 -12.04 21.93
C PHE E 239 36.28 -12.83 23.15
N GLY E 240 36.44 -14.13 22.96
CA GLY E 240 36.96 -14.98 24.01
C GLY E 240 38.48 -14.95 24.08
N ALA E 241 39.01 -15.70 25.04
CA ALA E 241 40.46 -15.78 25.17
C ALA E 241 41.10 -16.59 24.05
N GLY E 242 40.35 -17.47 23.41
CA GLY E 242 40.88 -18.27 22.33
C GLY E 242 41.39 -19.63 22.78
N THR E 243 40.73 -20.68 22.30
CA THR E 243 41.12 -22.04 22.63
C THR E 243 41.81 -22.67 21.42
N LYS E 244 42.97 -23.26 21.65
CA LYS E 244 43.77 -23.85 20.59
C LYS E 244 43.57 -25.36 20.58
N LEU E 245 43.18 -25.92 19.45
CA LEU E 245 43.02 -27.36 19.27
C LEU E 245 44.18 -27.83 18.40
N GLU E 246 45.30 -28.15 19.04
CA GLU E 246 46.51 -28.56 18.34
C GLU E 246 46.52 -30.07 18.11
N LEU E 247 47.19 -30.48 17.04
CA LEU E 247 47.25 -31.88 16.69
C LEU E 247 48.06 -32.67 17.72
N LYS E 248 47.58 -33.87 18.02
CA LYS E 248 48.22 -34.77 18.97
C LYS E 248 48.41 -34.10 20.33
#